data_9HIY
#
_entry.id   9HIY
#
_cell.length_a   1.00
_cell.length_b   1.00
_cell.length_c   1.00
_cell.angle_alpha   90.00
_cell.angle_beta   90.00
_cell.angle_gamma   90.00
#
_symmetry.space_group_name_H-M   'P 1'
#
loop_
_entity.id
_entity.type
_entity.pdbx_description
1 polymer 'CDK-activating kinase assembly factor MAT1'
2 polymer Cyclin-H
3 polymer 'Cyclin-dependent kinase 7'
4 non-polymer 'PHOSPHOTHIOPHOSPHORIC ACID-ADENYLATE ESTER'
5 non-polymer 'MAGNESIUM ION'
6 water water
#
loop_
_entity_poly.entity_id
_entity_poly.type
_entity_poly.pdbx_seq_one_letter_code
_entity_poly.pdbx_strand_id
1 'polypeptide(L)'
;SNAPVTFSTGIKMGQHISLAPIHKLEEALYEYQPLQIETYGPHVPELEMLGRLGYLNHVRAASPQDLAGGYTSSLACHRA
LQDAFSGLFWQPS
;
H
2 'polypeptide(L)'
;(ACE)MYHNSSQKRHWTFSSEEQLARLRADANRKFRCKAVANGKVLPNDPVFLEPHEEMTLCKYYEKRLLEFCSVFKPAM
PRSVVGTACMYFKRFYLNNSVMEYHPRIIMLTCAFLACKVDEFNVSSPQFVGNLRESPLGQEKALEQILEYELLLIQQLN
FHLIVHNPYRPFEGFLIDLKTRYPILENPEILRKTADDFLNRIALTDAYLLYTPSQIALTAILSSASRAGITMESYLSES
LMLKENRTCLSQLLDIMKSMRNLVKKYEPPRSEEVAVLKQKLERCHSAELALNVITKKRKGYEDDDYVSKKSKHEEEEWT
DDDLVESL
;
I
3 'polypeptide(L)'
;SNAMALDVKSRAKRYEKLDFLGEGQFATVYKARDKNTNQIVAIKKIKLGHRSEAKDGINRTALREIKLLQELSHPNIIGL
LDAFGHKSNISLVFDFMETNLEVIIKDNSLVLTPSHIKAYMLMTLQGLEYLHQHWILHRDLKPNNLLLDENGVLKLADFG
LAKSFGSPNRAYTHQVVTRWYRAPELLFGARMYGVGVDMWAVGCILAELLLRVPFLPGDSDLDQLTRIFETLGTPTEEQW
PDMCSLPDYVTFKSFPGIPLHHIFSAAGDDLLDLIQGLFLFNPCARITATQALKMKYFSNRPGPTPGCQLPRPNCPVETL
KEQSNPALAIKRKRTEALEQGGLPKKLIF
;
J
#
loop_
_chem_comp.id
_chem_comp.type
_chem_comp.name
_chem_comp.formula
ACE non-polymer 'ACETYL GROUP' 'C2 H4 O'
AGS non-polymer 'PHOSPHOTHIOPHOSPHORIC ACID-ADENYLATE ESTER' 'C10 H16 N5 O12 P3 S'
MG non-polymer 'MAGNESIUM ION' 'Mg 2'
#
# COMPACT_ATOMS: atom_id res chain seq x y z
N ALA A 28 12.19 -33.19 7.79
CA ALA A 28 12.06 -31.77 8.10
C ALA A 28 12.32 -30.92 6.87
N LEU A 29 12.25 -31.54 5.70
CA LEU A 29 12.49 -30.84 4.45
C LEU A 29 11.40 -29.81 4.17
N TYR A 30 11.77 -28.74 3.48
CA TYR A 30 10.83 -27.71 3.09
C TYR A 30 10.22 -28.05 1.73
N GLU A 31 8.96 -27.69 1.55
CA GLU A 31 8.24 -27.90 0.30
C GLU A 31 7.41 -26.66 0.01
N TYR A 32 7.61 -26.07 -1.16
CA TYR A 32 6.90 -24.85 -1.52
C TYR A 32 5.41 -25.12 -1.70
N GLN A 33 4.59 -24.23 -1.14
CA GLN A 33 3.16 -24.24 -1.35
C GLN A 33 2.73 -22.81 -1.67
N PRO A 34 1.98 -22.59 -2.74
CA PRO A 34 1.61 -21.22 -3.11
C PRO A 34 0.72 -20.57 -2.07
N LEU A 35 0.83 -19.23 -2.00
CA LEU A 35 0.00 -18.47 -1.07
C LEU A 35 -1.46 -18.58 -1.46
N GLN A 36 -2.32 -18.74 -0.46
CA GLN A 36 -3.76 -18.89 -0.67
C GLN A 36 -4.45 -17.67 -0.06
N ILE A 37 -4.77 -16.70 -0.91
CA ILE A 37 -5.48 -15.49 -0.49
C ILE A 37 -6.77 -15.41 -1.29
N GLU A 38 -7.90 -15.50 -0.60
CA GLU A 38 -9.20 -15.43 -1.25
C GLU A 38 -9.48 -14.00 -1.65
N THR A 39 -9.75 -13.78 -2.94
CA THR A 39 -9.93 -12.45 -3.48
C THR A 39 -11.39 -12.09 -3.75
N TYR A 40 -12.31 -13.04 -3.62
CA TYR A 40 -13.74 -12.80 -3.79
C TYR A 40 -14.04 -12.16 -5.15
N GLY A 41 -13.46 -12.72 -6.21
CA GLY A 41 -13.66 -12.19 -7.53
C GLY A 41 -13.23 -13.12 -8.64
N PRO A 42 -13.35 -12.66 -9.88
CA PRO A 42 -12.95 -13.49 -11.02
C PRO A 42 -11.45 -13.75 -11.03
N HIS A 43 -11.08 -14.90 -11.58
CA HIS A 43 -9.68 -15.28 -11.68
C HIS A 43 -8.93 -14.31 -12.60
N VAL A 44 -7.70 -14.00 -12.24
CA VAL A 44 -6.85 -13.07 -12.98
C VAL A 44 -5.76 -13.89 -13.67
N PRO A 45 -5.51 -13.66 -14.97
CA PRO A 45 -4.46 -14.42 -15.65
C PRO A 45 -3.09 -14.10 -15.11
N GLU A 46 -2.18 -15.07 -15.23
CA GLU A 46 -0.84 -14.93 -14.70
C GLU A 46 -0.08 -13.82 -15.40
N LEU A 47 0.94 -13.29 -14.71
CA LEU A 47 1.69 -12.17 -15.22
C LEU A 47 2.38 -12.50 -16.54
N GLU A 48 3.00 -13.68 -16.62
CA GLU A 48 3.72 -14.07 -17.83
C GLU A 48 2.78 -14.39 -18.98
N MET A 49 1.51 -14.66 -18.70
CA MET A 49 0.54 -15.02 -19.72
C MET A 49 -0.15 -13.81 -20.33
N LEU A 50 0.14 -12.60 -19.84
CA LEU A 50 -0.59 -11.41 -20.29
C LEU A 50 -0.28 -11.09 -21.75
N GLY A 51 0.98 -11.22 -22.15
CA GLY A 51 1.34 -10.91 -23.52
C GLY A 51 0.67 -11.82 -24.54
N ARG A 52 0.63 -13.12 -24.23
CA ARG A 52 0.01 -14.08 -25.16
C ARG A 52 -1.48 -13.81 -25.32
N LEU A 53 -2.16 -13.50 -24.22
CA LEU A 53 -3.62 -13.33 -24.25
C LEU A 53 -4.05 -12.01 -24.88
N GLY A 54 -3.14 -11.07 -25.08
CA GLY A 54 -3.44 -9.85 -25.80
C GLY A 54 -3.76 -8.63 -24.96
N TYR A 55 -3.59 -8.70 -23.63
CA TYR A 55 -3.87 -7.54 -22.80
C TYR A 55 -2.91 -6.39 -23.10
N LEU A 56 -1.63 -6.70 -23.31
CA LEU A 56 -0.61 -5.67 -23.43
C LEU A 56 -0.80 -4.76 -24.65
N ASN A 57 -1.63 -5.16 -25.61
CA ASN A 57 -1.94 -4.29 -26.73
C ASN A 57 -2.76 -3.08 -26.33
N HIS A 58 -3.30 -3.04 -25.11
CA HIS A 58 -4.12 -1.93 -24.66
C HIS A 58 -3.52 -1.20 -23.47
N VAL A 59 -2.26 -1.44 -23.15
CA VAL A 59 -1.55 -0.69 -22.11
C VAL A 59 -0.35 0.00 -22.76
N ARG A 60 0.01 1.15 -22.20
CA ARG A 60 1.13 1.92 -22.74
C ARG A 60 2.43 1.15 -22.60
N ALA A 61 3.22 1.13 -23.67
CA ALA A 61 4.49 0.40 -23.64
C ALA A 61 5.47 1.06 -22.68
N ALA A 62 6.37 0.24 -22.15
CA ALA A 62 7.39 0.73 -21.24
C ALA A 62 8.56 1.30 -22.03
N SER A 63 8.99 2.51 -21.65
CA SER A 63 10.14 3.13 -22.29
C SER A 63 11.40 2.32 -21.98
N PRO A 64 12.43 2.41 -22.84
CA PRO A 64 13.68 1.72 -22.52
C PRO A 64 14.31 2.17 -21.21
N GLN A 65 14.11 3.43 -20.83
CA GLN A 65 14.56 3.87 -19.51
C GLN A 65 13.82 3.12 -18.41
N ASP A 66 12.50 2.96 -18.55
CA ASP A 66 11.73 2.21 -17.58
C ASP A 66 12.13 0.73 -17.57
N LEU A 67 12.32 0.15 -18.76
CA LEU A 67 12.74 -1.25 -18.83
C LEU A 67 14.13 -1.46 -18.25
N ALA A 68 14.96 -0.43 -18.27
CA ALA A 68 16.31 -0.55 -17.72
C ALA A 68 16.27 -0.83 -16.23
N GLY A 69 15.40 -0.15 -15.49
CA GLY A 69 15.29 -0.36 -14.06
C GLY A 69 14.45 -1.55 -13.65
N GLY A 70 13.78 -2.20 -14.59
CA GLY A 70 12.99 -3.37 -14.29
C GLY A 70 11.49 -3.16 -14.24
N TYR A 71 10.97 -2.11 -14.86
CA TYR A 71 9.53 -1.88 -14.91
C TYR A 71 9.01 -2.27 -16.28
N THR A 72 8.00 -3.13 -16.30
CA THR A 72 7.34 -3.55 -17.53
C THR A 72 5.87 -3.15 -17.48
N SER A 73 5.30 -2.94 -18.67
CA SER A 73 3.88 -2.63 -18.76
C SER A 73 3.01 -3.78 -18.26
N SER A 74 3.55 -5.00 -18.25
CA SER A 74 2.80 -6.14 -17.73
C SER A 74 2.52 -5.98 -16.24
N LEU A 75 3.42 -5.36 -15.50
CA LEU A 75 3.18 -5.11 -14.08
C LEU A 75 1.97 -4.20 -13.87
N ALA A 76 1.91 -3.10 -14.63
CA ALA A 76 0.80 -2.17 -14.50
C ALA A 76 -0.51 -2.82 -14.93
N CYS A 77 -0.48 -3.57 -16.04
CA CYS A 77 -1.69 -4.25 -16.50
C CYS A 77 -2.18 -5.27 -15.47
N HIS A 78 -1.26 -6.03 -14.90
CA HIS A 78 -1.62 -7.02 -13.89
C HIS A 78 -2.21 -6.35 -12.67
N ARG A 79 -1.62 -5.24 -12.23
CA ARG A 79 -2.16 -4.52 -11.06
C ARG A 79 -3.56 -4.00 -11.35
N ALA A 80 -3.77 -3.44 -12.54
CA ALA A 80 -5.09 -2.92 -12.89
C ALA A 80 -6.13 -4.05 -12.92
N LEU A 81 -5.77 -5.20 -13.50
CA LEU A 81 -6.71 -6.32 -13.54
C LEU A 81 -7.00 -6.85 -12.13
N GLN A 82 -5.97 -6.93 -11.28
CA GLN A 82 -6.17 -7.42 -9.92
C GLN A 82 -7.09 -6.51 -9.13
N ASP A 83 -6.94 -5.19 -9.30
CA ASP A 83 -7.85 -4.28 -8.62
C ASP A 83 -9.24 -4.29 -9.24
N ALA A 84 -9.34 -4.58 -10.54
CA ALA A 84 -10.65 -4.66 -11.17
C ALA A 84 -11.43 -5.88 -10.70
N PHE A 85 -10.74 -6.99 -10.40
CA PHE A 85 -11.40 -8.23 -10.03
C PHE A 85 -11.46 -8.47 -8.53
N SER A 86 -10.91 -7.57 -7.72
CA SER A 86 -10.84 -7.81 -6.28
C SER A 86 -12.16 -7.50 -5.60
N GLY A 87 -12.66 -8.45 -4.82
CA GLY A 87 -13.85 -8.23 -4.02
C GLY A 87 -15.13 -8.00 -4.80
N LEU A 88 -15.15 -8.38 -6.07
CA LEU A 88 -16.34 -8.13 -6.90
C LEU A 88 -17.52 -9.00 -6.46
N PHE A 89 -17.25 -10.17 -5.88
CA PHE A 89 -18.30 -11.10 -5.48
C PHE A 89 -18.44 -11.20 -3.96
N TRP A 90 -18.14 -10.12 -3.25
CA TRP A 90 -18.17 -10.12 -1.80
C TRP A 90 -19.25 -9.16 -1.31
N GLN A 91 -19.93 -9.55 -0.23
CA GLN A 91 -20.99 -8.76 0.38
C GLN A 91 -20.74 -8.63 1.87
N PRO A 92 -20.97 -7.43 2.45
CA PRO A 92 -20.80 -7.20 3.88
C PRO A 92 -21.76 -8.02 4.74
C ACE B 1 -3.40 -3.73 -1.00
O ACE B 1 -3.59 -2.97 -1.94
CH3 ACE B 1 -2.32 -3.49 0.02
N MET B 2 -4.14 -4.81 -0.79
CA MET B 2 -5.24 -5.14 -1.69
C MET B 2 -6.57 -5.02 -0.98
N TYR B 3 -7.64 -4.77 -1.73
CA TYR B 3 -8.94 -4.53 -1.10
C TYR B 3 -9.46 -5.76 -0.36
N HIS B 4 -9.27 -6.95 -0.92
CA HIS B 4 -9.94 -8.13 -0.39
C HIS B 4 -9.47 -8.52 1.00
N ASN B 5 -8.38 -7.93 1.50
CA ASN B 5 -7.99 -8.13 2.89
C ASN B 5 -7.58 -6.81 3.54
N SER B 6 -8.14 -5.69 3.08
CA SER B 6 -7.81 -4.38 3.59
C SER B 6 -8.65 -4.04 4.82
N SER B 7 -8.30 -2.94 5.47
CA SER B 7 -9.08 -2.46 6.60
C SER B 7 -10.39 -1.82 6.13
N GLN B 8 -10.42 -1.32 4.90
CA GLN B 8 -11.66 -0.73 4.36
C GLN B 8 -12.76 -1.78 4.26
N LYS B 9 -12.42 -2.99 3.83
CA LYS B 9 -13.41 -4.05 3.74
C LYS B 9 -13.80 -4.58 5.12
N ARG B 10 -12.83 -4.66 6.03
CA ARG B 10 -13.10 -5.25 7.33
C ARG B 10 -13.88 -4.32 8.27
N HIS B 11 -13.67 -3.01 8.18
CA HIS B 11 -14.21 -2.10 9.17
C HIS B 11 -15.05 -0.95 8.62
N TRP B 12 -14.93 -0.60 7.34
CA TRP B 12 -15.59 0.59 6.82
C TRP B 12 -16.50 0.30 5.64
N THR B 13 -16.94 -0.95 5.48
CA THR B 13 -18.01 -1.30 4.56
C THR B 13 -19.16 -1.85 5.39
N PHE B 14 -20.33 -1.24 5.24
CA PHE B 14 -21.46 -1.48 6.13
C PHE B 14 -22.60 -2.17 5.39
N SER B 15 -23.40 -2.90 6.17
CA SER B 15 -24.41 -3.78 5.57
C SER B 15 -25.48 -2.99 4.81
N SER B 16 -25.94 -1.88 5.37
CA SER B 16 -27.05 -1.17 4.77
C SER B 16 -27.02 0.30 5.19
N GLU B 17 -27.92 1.08 4.61
CA GLU B 17 -28.04 2.50 4.93
C GLU B 17 -28.55 2.72 6.35
N GLU B 18 -29.32 1.76 6.88
CA GLU B 18 -29.82 1.89 8.24
C GLU B 18 -28.68 1.93 9.25
N GLN B 19 -27.62 1.17 8.98
CA GLN B 19 -26.44 1.21 9.85
C GLN B 19 -25.84 2.61 9.88
N LEU B 20 -25.70 3.24 8.71
CA LEU B 20 -25.14 4.59 8.65
C LEU B 20 -26.03 5.60 9.37
N ALA B 21 -27.35 5.50 9.15
CA ALA B 21 -28.28 6.40 9.82
C ALA B 21 -28.21 6.22 11.34
N ARG B 22 -28.13 4.97 11.80
CA ARG B 22 -28.02 4.71 13.22
C ARG B 22 -26.72 5.27 13.80
N LEU B 23 -25.61 5.11 13.08
CA LEU B 23 -24.35 5.66 13.57
C LEU B 23 -24.40 7.18 13.66
N ARG B 24 -24.95 7.84 12.65
CA ARG B 24 -25.05 9.30 12.68
C ARG B 24 -25.98 9.76 13.81
N ALA B 25 -27.11 9.07 14.00
CA ALA B 25 -28.02 9.42 15.08
C ALA B 25 -27.35 9.23 16.44
N ASP B 26 -26.57 8.15 16.60
CA ASP B 26 -25.85 7.93 17.84
C ASP B 26 -24.83 9.04 18.10
N ALA B 27 -24.12 9.46 17.06
CA ALA B 27 -23.16 10.54 17.22
C ALA B 27 -23.85 11.83 17.65
N ASN B 28 -24.96 12.17 17.00
CA ASN B 28 -25.68 13.39 17.36
C ASN B 28 -26.23 13.31 18.79
N ARG B 29 -26.78 12.15 19.17
CA ARG B 29 -27.31 11.98 20.52
C ARG B 29 -26.21 12.06 21.56
N LYS B 30 -25.04 11.48 21.27
CA LYS B 30 -23.92 11.55 22.20
C LYS B 30 -23.45 12.99 22.37
N PHE B 31 -23.38 13.75 21.28
CA PHE B 31 -23.00 15.16 21.42
C PHE B 31 -24.02 15.93 22.24
N ARG B 32 -25.32 15.67 22.01
CA ARG B 32 -26.34 16.36 22.79
C ARG B 32 -26.24 16.02 24.27
N CYS B 33 -26.00 14.74 24.59
CA CYS B 33 -25.86 14.34 25.98
C CYS B 33 -24.65 14.98 26.62
N LYS B 34 -23.53 15.06 25.88
CA LYS B 34 -22.34 15.71 26.41
C LYS B 34 -22.58 17.20 26.65
N ALA B 35 -23.27 17.85 25.72
CA ALA B 35 -23.49 19.29 25.84
C ALA B 35 -24.46 19.62 26.97
N VAL B 36 -25.49 18.80 27.15
CA VAL B 36 -26.49 19.07 28.18
C VAL B 36 -25.85 19.06 29.57
N ALA B 37 -25.01 18.07 29.84
CA ALA B 37 -24.33 17.97 31.13
C ALA B 37 -23.10 18.87 31.16
N ASP B 45 -34.10 22.92 23.45
CA ASP B 45 -33.31 24.07 23.02
C ASP B 45 -33.07 23.93 21.52
N PRO B 46 -33.51 24.93 20.75
CA PRO B 46 -33.36 24.88 19.29
C PRO B 46 -31.95 25.17 18.78
N VAL B 47 -30.95 25.24 19.65
CA VAL B 47 -29.58 25.43 19.18
C VAL B 47 -29.06 24.18 18.49
N PHE B 48 -29.50 23.00 18.93
CA PHE B 48 -28.99 21.75 18.37
C PHE B 48 -29.53 21.51 16.98
N LEU B 49 -28.85 20.63 16.25
CA LEU B 49 -29.19 20.28 14.87
C LEU B 49 -29.73 18.86 14.81
N GLU B 50 -30.71 18.65 13.95
CA GLU B 50 -31.22 17.31 13.68
C GLU B 50 -30.26 16.55 12.78
N PRO B 51 -30.31 15.21 12.82
CA PRO B 51 -29.38 14.43 11.98
C PRO B 51 -29.47 14.72 10.49
N HIS B 52 -30.66 15.00 9.97
CA HIS B 52 -30.79 15.28 8.54
C HIS B 52 -30.19 16.63 8.17
N GLU B 53 -30.28 17.61 9.08
CA GLU B 53 -29.57 18.86 8.86
C GLU B 53 -28.06 18.65 8.85
N GLU B 54 -27.57 17.78 9.73
CA GLU B 54 -26.15 17.40 9.70
C GLU B 54 -25.79 16.77 8.37
N MET B 55 -26.67 15.91 7.84
CA MET B 55 -26.41 15.29 6.55
C MET B 55 -26.33 16.33 5.43
N THR B 56 -27.26 17.29 5.44
CA THR B 56 -27.24 18.35 4.42
C THR B 56 -25.96 19.17 4.49
N LEU B 57 -25.56 19.54 5.71
CA LEU B 57 -24.31 20.29 5.87
C LEU B 57 -23.11 19.47 5.41
N CYS B 58 -23.11 18.17 5.71
CA CYS B 58 -22.01 17.31 5.28
C CYS B 58 -21.93 17.23 3.76
N LYS B 59 -23.09 17.12 3.09
CA LYS B 59 -23.08 17.13 1.63
C LYS B 59 -22.52 18.44 1.09
N TYR B 60 -22.96 19.57 1.66
CA TYR B 60 -22.46 20.86 1.20
C TYR B 60 -20.96 20.99 1.37
N TYR B 61 -20.44 20.56 2.52
CA TYR B 61 -19.01 20.72 2.77
C TYR B 61 -18.17 19.69 2.01
N GLU B 62 -18.73 18.53 1.70
CA GLU B 62 -18.06 17.60 0.80
C GLU B 62 -17.96 18.21 -0.60
N LYS B 63 -19.02 18.89 -1.05
CA LYS B 63 -18.94 19.61 -2.32
C LYS B 63 -17.86 20.69 -2.27
N ARG B 64 -17.79 21.43 -1.16
CA ARG B 64 -16.76 22.46 -1.03
C ARG B 64 -15.36 21.85 -1.06
N LEU B 65 -15.18 20.69 -0.43
CA LEU B 65 -13.91 19.99 -0.48
C LEU B 65 -13.57 19.57 -1.91
N LEU B 66 -14.58 19.12 -2.67
CA LEU B 66 -14.37 18.75 -4.07
C LEU B 66 -13.84 19.93 -4.87
N GLU B 67 -14.49 21.08 -4.75
CA GLU B 67 -14.00 22.26 -5.49
C GLU B 67 -12.63 22.73 -4.98
N PHE B 68 -12.37 22.61 -3.67
CA PHE B 68 -11.04 22.97 -3.18
C PHE B 68 -9.97 22.09 -3.81
N CYS B 69 -10.22 20.78 -3.88
CA CYS B 69 -9.27 19.89 -4.52
C CYS B 69 -9.16 20.15 -6.01
N SER B 70 -10.25 20.61 -6.64
CA SER B 70 -10.19 20.91 -8.07
C SER B 70 -9.34 22.14 -8.34
N VAL B 71 -9.40 23.14 -7.46
CA VAL B 71 -8.63 24.37 -7.65
C VAL B 71 -7.17 24.20 -7.24
N PHE B 72 -6.88 23.21 -6.40
CA PHE B 72 -5.56 23.05 -5.79
C PHE B 72 -4.46 22.97 -6.84
N LYS B 73 -3.33 23.64 -6.57
CA LYS B 73 -2.15 23.60 -7.40
C LYS B 73 -0.93 23.40 -6.51
N PRO B 74 -0.02 22.46 -6.82
CA PRO B 74 0.04 21.59 -8.01
C PRO B 74 -1.15 20.66 -8.14
N ALA B 75 -1.47 20.22 -9.36
CA ALA B 75 -2.69 19.47 -9.61
C ALA B 75 -2.76 18.22 -8.75
N MET B 76 -3.90 18.02 -8.10
CA MET B 76 -4.10 16.89 -7.21
C MET B 76 -4.46 15.65 -8.02
N PRO B 77 -3.77 14.53 -7.83
CA PRO B 77 -4.21 13.28 -8.45
C PRO B 77 -5.57 12.86 -7.90
N ARG B 78 -6.31 12.14 -8.75
CA ARG B 78 -7.68 11.74 -8.38
C ARG B 78 -7.70 10.89 -7.12
N SER B 79 -6.67 10.09 -6.89
CA SER B 79 -6.63 9.25 -5.70
C SER B 79 -6.61 10.09 -4.43
N VAL B 80 -5.89 11.22 -4.45
CA VAL B 80 -5.84 12.10 -3.29
C VAL B 80 -7.24 12.64 -2.96
N VAL B 81 -7.94 13.11 -3.99
CA VAL B 81 -9.28 13.66 -3.79
C VAL B 81 -10.23 12.59 -3.27
N GLY B 82 -10.19 11.41 -3.87
CA GLY B 82 -11.05 10.33 -3.40
C GLY B 82 -10.75 9.93 -1.95
N THR B 83 -9.47 9.86 -1.60
CA THR B 83 -9.09 9.54 -0.22
C THR B 83 -9.59 10.61 0.74
N ALA B 84 -9.46 11.88 0.37
CA ALA B 84 -9.93 12.96 1.23
C ALA B 84 -11.43 12.90 1.44
N CYS B 85 -12.19 12.64 0.36
CA CYS B 85 -13.63 12.54 0.49
C CYS B 85 -14.02 11.35 1.37
N MET B 86 -13.33 10.21 1.20
CA MET B 86 -13.59 9.06 2.05
C MET B 86 -13.30 9.38 3.51
N TYR B 87 -12.21 10.12 3.76
CA TYR B 87 -11.90 10.55 5.11
C TYR B 87 -13.02 11.41 5.68
N PHE B 88 -13.54 12.34 4.89
CA PHE B 88 -14.64 13.19 5.35
C PHE B 88 -15.85 12.35 5.75
N LYS B 89 -16.25 11.43 4.88
CA LYS B 89 -17.41 10.58 5.17
C LYS B 89 -17.18 9.75 6.42
N ARG B 90 -16.00 9.13 6.53
CA ARG B 90 -15.69 8.29 7.68
C ARG B 90 -15.68 9.09 8.98
N PHE B 91 -15.11 10.29 8.94
CA PHE B 91 -15.06 11.12 10.14
C PHE B 91 -16.46 11.52 10.58
N TYR B 92 -17.31 11.90 9.65
CA TYR B 92 -18.65 12.33 10.04
C TYR B 92 -19.65 11.19 10.14
N LEU B 93 -19.21 9.95 9.98
CA LEU B 93 -20.03 8.83 10.42
C LEU B 93 -20.21 8.84 11.94
N ASN B 94 -19.13 9.04 12.69
CA ASN B 94 -19.15 8.91 14.14
C ASN B 94 -18.95 10.23 14.88
N ASN B 95 -19.08 11.37 14.20
CA ASN B 95 -18.85 12.66 14.84
C ASN B 95 -19.87 13.67 14.34
N SER B 96 -20.21 14.61 15.21
CA SER B 96 -21.20 15.65 14.92
C SER B 96 -20.51 16.90 14.39
N VAL B 97 -21.14 17.53 13.39
CA VAL B 97 -20.61 18.77 12.84
C VAL B 97 -20.63 19.89 13.88
N MET B 98 -21.43 19.75 14.95
CA MET B 98 -21.47 20.76 15.99
C MET B 98 -20.24 20.69 16.90
N GLU B 99 -19.67 19.50 17.10
CA GLU B 99 -18.45 19.40 17.89
C GLU B 99 -17.24 19.90 17.11
N TYR B 100 -17.17 19.58 15.82
CA TYR B 100 -16.05 19.97 14.98
C TYR B 100 -16.58 20.56 13.68
N HIS B 101 -16.12 21.75 13.34
CA HIS B 101 -16.61 22.43 12.16
C HIS B 101 -16.13 21.73 10.90
N PRO B 102 -17.01 21.37 9.97
CA PRO B 102 -16.56 20.71 8.73
C PRO B 102 -15.66 21.56 7.87
N ARG B 103 -15.69 22.89 8.02
CA ARG B 103 -14.81 23.74 7.22
C ARG B 103 -13.34 23.43 7.50
N ILE B 104 -12.98 23.27 8.78
CA ILE B 104 -11.62 22.86 9.12
C ILE B 104 -11.40 21.39 8.83
N ILE B 105 -12.42 20.56 9.03
CA ILE B 105 -12.24 19.11 8.90
C ILE B 105 -11.94 18.72 7.46
N MET B 106 -12.58 19.38 6.49
CA MET B 106 -12.31 19.04 5.09
C MET B 106 -10.88 19.39 4.70
N LEU B 107 -10.38 20.53 5.17
CA LEU B 107 -8.99 20.89 4.89
C LEU B 107 -8.02 19.93 5.58
N THR B 108 -8.35 19.51 6.80
CA THR B 108 -7.54 18.51 7.49
C THR B 108 -7.53 17.18 6.73
N CYS B 109 -8.69 16.80 6.17
CA CYS B 109 -8.79 15.59 5.38
C CYS B 109 -7.92 15.68 4.13
N ALA B 110 -7.95 16.84 3.46
CA ALA B 110 -7.09 17.03 2.29
C ALA B 110 -5.62 16.97 2.66
N PHE B 111 -5.24 17.60 3.78
CA PHE B 111 -3.86 17.56 4.26
C PHE B 111 -3.42 16.13 4.52
N LEU B 112 -4.20 15.37 5.28
CA LEU B 112 -3.85 14.00 5.61
C LEU B 112 -3.84 13.10 4.38
N ALA B 113 -4.77 13.33 3.45
CA ALA B 113 -4.79 12.55 2.21
C ALA B 113 -3.54 12.81 1.38
N CYS B 114 -3.13 14.09 1.28
CA CYS B 114 -1.90 14.41 0.56
C CYS B 114 -0.71 13.72 1.21
N LYS B 115 -0.66 13.71 2.54
CA LYS B 115 0.45 13.01 3.21
C LYS B 115 0.39 11.51 2.95
N VAL B 116 -0.79 10.91 3.01
CA VAL B 116 -0.90 9.45 2.91
C VAL B 116 -0.66 8.98 1.48
N ASP B 117 -1.23 9.68 0.50
CA ASP B 117 -1.11 9.28 -0.90
C ASP B 117 0.22 9.70 -1.52
N GLU B 118 1.19 10.12 -0.71
CA GLU B 118 2.53 10.47 -1.17
C GLU B 118 2.49 11.57 -2.24
N PHE B 119 1.64 12.56 -2.03
CA PHE B 119 1.63 13.77 -2.83
C PHE B 119 2.42 14.83 -2.04
N ASN B 120 3.74 14.77 -2.20
CA ASN B 120 4.65 15.58 -1.38
C ASN B 120 4.44 17.06 -1.70
N VAL B 121 3.75 17.75 -0.81
CA VAL B 121 3.55 19.19 -0.92
C VAL B 121 3.77 19.81 0.45
N SER B 122 4.55 20.90 0.49
CA SER B 122 4.82 21.56 1.75
C SER B 122 3.58 22.34 2.23
N SER B 123 3.54 22.57 3.53
CA SER B 123 2.43 23.32 4.11
C SER B 123 2.25 24.71 3.51
N PRO B 124 3.31 25.51 3.26
CA PRO B 124 3.09 26.84 2.66
C PRO B 124 2.31 26.82 1.36
N GLN B 125 2.58 25.87 0.46
CA GLN B 125 1.79 25.77 -0.77
C GLN B 125 0.34 25.41 -0.46
N PHE B 126 0.14 24.49 0.48
CA PHE B 126 -1.20 24.10 0.88
C PHE B 126 -2.02 25.30 1.32
N VAL B 127 -1.47 26.11 2.24
CA VAL B 127 -2.22 27.26 2.71
C VAL B 127 -2.32 28.32 1.62
N GLY B 128 -1.31 28.43 0.76
CA GLY B 128 -1.39 29.38 -0.34
C GLY B 128 -2.50 29.06 -1.31
N ASN B 129 -2.88 27.79 -1.40
CA ASN B 129 -4.05 27.43 -2.19
C ASN B 129 -5.33 28.01 -1.60
N LEU B 130 -5.35 28.23 -0.28
CA LEU B 130 -6.51 28.87 0.34
C LEU B 130 -6.59 30.34 -0.04
N ARG B 131 -7.81 30.81 -0.27
CA ARG B 131 -8.03 32.21 -0.61
C ARG B 131 -7.85 33.10 0.61
N PRO B 134 -2.84 36.30 4.39
CA PRO B 134 -1.79 35.41 4.93
C PRO B 134 -2.02 35.06 6.39
N LEU B 135 -2.55 36.02 7.17
CA LEU B 135 -2.87 35.74 8.56
C LEU B 135 -3.96 34.68 8.67
N GLY B 136 -4.98 34.77 7.82
CA GLY B 136 -5.98 33.71 7.78
C GLY B 136 -5.39 32.39 7.37
N GLN B 137 -4.42 32.40 6.45
CA GLN B 137 -3.74 31.18 6.07
C GLN B 137 -2.99 30.57 7.24
N GLU B 138 -2.32 31.41 8.04
CA GLU B 138 -1.59 30.90 9.20
C GLU B 138 -2.54 30.33 10.24
N LYS B 139 -3.67 31.01 10.49
CA LYS B 139 -4.64 30.48 11.44
C LYS B 139 -5.23 29.17 10.95
N ALA B 140 -5.54 29.07 9.66
CA ALA B 140 -6.06 27.82 9.11
C ALA B 140 -5.03 26.71 9.24
N LEU B 141 -3.76 27.01 8.97
CA LEU B 141 -2.70 26.01 9.12
C LEU B 141 -2.62 25.54 10.57
N GLU B 142 -2.70 26.46 11.53
CA GLU B 142 -2.65 26.07 12.92
C GLU B 142 -3.83 25.17 13.29
N GLN B 143 -5.02 25.48 12.77
CA GLN B 143 -6.18 24.63 13.03
C GLN B 143 -6.01 23.24 12.41
N ILE B 144 -5.45 23.17 11.20
CA ILE B 144 -5.18 21.86 10.58
C ILE B 144 -4.19 21.07 11.42
N LEU B 145 -3.13 21.73 11.92
CA LEU B 145 -2.21 21.05 12.82
C LEU B 145 -2.92 20.54 14.07
N GLU B 146 -3.84 21.33 14.61
CA GLU B 146 -4.55 20.90 15.81
C GLU B 146 -5.43 19.68 15.54
N TYR B 147 -6.08 19.65 14.38
CA TYR B 147 -7.08 18.61 14.11
C TYR B 147 -6.53 17.40 13.36
N GLU B 148 -5.28 17.43 12.92
CA GLU B 148 -4.74 16.29 12.16
C GLU B 148 -4.75 15.01 12.99
N LEU B 149 -4.24 15.08 14.22
CA LEU B 149 -4.17 13.87 15.05
C LEU B 149 -5.56 13.41 15.45
N LEU B 150 -6.48 14.34 15.69
CA LEU B 150 -7.86 13.97 15.98
C LEU B 150 -8.49 13.23 14.80
N LEU B 151 -8.27 13.73 13.59
CA LEU B 151 -8.78 13.05 12.40
C LEU B 151 -8.20 11.66 12.27
N ILE B 152 -6.89 11.53 12.51
CA ILE B 152 -6.25 10.22 12.43
C ILE B 152 -6.86 9.26 13.45
N GLN B 153 -7.08 9.75 14.68
CA GLN B 153 -7.65 8.90 15.72
C GLN B 153 -9.07 8.47 15.38
N GLN B 154 -9.88 9.37 14.81
CA GLN B 154 -11.25 9.03 14.47
C GLN B 154 -11.34 8.02 13.34
N LEU B 155 -10.30 7.90 12.52
CA LEU B 155 -10.25 6.87 11.48
C LEU B 155 -9.73 5.55 12.01
N ASN B 156 -9.44 5.45 13.30
CA ASN B 156 -8.91 4.24 13.91
CA ASN B 156 -8.90 4.24 13.93
C ASN B 156 -7.61 3.80 13.24
N PHE B 157 -6.81 4.78 12.80
CA PHE B 157 -5.52 4.53 12.15
C PHE B 157 -5.68 3.63 10.93
N HIS B 158 -6.73 3.88 10.16
CA HIS B 158 -6.99 3.18 8.90
C HIS B 158 -6.92 4.23 7.79
N LEU B 159 -5.78 4.32 7.11
CA LEU B 159 -5.52 5.43 6.21
C LEU B 159 -5.56 5.08 4.74
N ILE B 160 -5.34 3.83 4.37
CA ILE B 160 -5.36 3.44 2.96
C ILE B 160 -6.80 3.38 2.49
N VAL B 161 -7.12 4.18 1.48
CA VAL B 161 -8.47 4.24 0.91
C VAL B 161 -8.42 3.64 -0.49
N HIS B 162 -9.25 2.63 -0.72
CA HIS B 162 -9.31 1.96 -2.02
C HIS B 162 -10.38 2.63 -2.87
N ASN B 163 -9.95 3.25 -3.95
CA ASN B 163 -10.78 4.00 -4.87
C ASN B 163 -11.18 3.15 -6.07
N PRO B 164 -12.23 3.52 -6.80
CA PRO B 164 -12.66 2.74 -7.96
C PRO B 164 -11.99 3.09 -9.28
N TYR B 165 -11.06 4.05 -9.31
CA TYR B 165 -10.49 4.47 -10.59
C TYR B 165 -9.62 3.39 -11.21
N ARG B 166 -8.72 2.80 -10.43
CA ARG B 166 -7.91 1.69 -10.95
C ARG B 166 -8.75 0.46 -11.29
N PRO B 167 -9.74 0.04 -10.50
CA PRO B 167 -10.64 -1.03 -10.99
C PRO B 167 -11.36 -0.64 -12.28
N PHE B 168 -11.70 0.63 -12.44
CA PHE B 168 -12.30 1.09 -13.69
C PHE B 168 -11.35 0.87 -14.86
N GLU B 169 -10.08 1.24 -14.67
CA GLU B 169 -9.09 1.04 -15.73
C GLU B 169 -8.89 -0.44 -16.03
N GLY B 170 -8.85 -1.27 -14.99
CA GLY B 170 -8.71 -2.70 -15.20
C GLY B 170 -9.88 -3.31 -15.95
N PHE B 171 -11.10 -2.88 -15.63
CA PHE B 171 -12.27 -3.35 -16.37
C PHE B 171 -12.23 -2.87 -17.81
N LEU B 172 -11.75 -1.64 -18.05
CA LEU B 172 -11.59 -1.17 -19.41
C LEU B 172 -10.61 -2.04 -20.19
N ILE B 173 -9.49 -2.41 -19.56
CA ILE B 173 -8.53 -3.29 -20.22
C ILE B 173 -9.15 -4.63 -20.54
N ASP B 174 -9.88 -5.21 -19.57
CA ASP B 174 -10.50 -6.51 -19.78
C ASP B 174 -11.53 -6.46 -20.91
N LEU B 175 -12.32 -5.38 -20.97
CA LEU B 175 -13.29 -5.23 -22.04
C LEU B 175 -12.61 -5.07 -23.38
N LYS B 176 -11.52 -4.30 -23.43
CA LYS B 176 -10.77 -4.15 -24.68
C LYS B 176 -10.19 -5.48 -25.14
N THR B 177 -9.87 -6.36 -24.20
CA THR B 177 -9.22 -7.62 -24.56
C THR B 177 -10.23 -8.71 -24.94
N ARG B 178 -11.17 -9.03 -24.06
CA ARG B 178 -12.02 -10.21 -24.23
C ARG B 178 -13.50 -9.86 -24.39
N TYR B 179 -13.83 -8.71 -24.97
CA TYR B 179 -15.21 -8.40 -25.34
C TYR B 179 -15.24 -7.78 -26.73
N PRO B 180 -14.93 -8.58 -27.76
CA PRO B 180 -14.87 -8.01 -29.12
C PRO B 180 -16.18 -7.45 -29.63
N ILE B 181 -17.32 -7.99 -29.17
CA ILE B 181 -18.61 -7.53 -29.70
C ILE B 181 -18.87 -6.07 -29.36
N LEU B 182 -18.24 -5.56 -28.31
CA LEU B 182 -18.22 -4.12 -28.02
C LEU B 182 -17.01 -3.53 -28.74
N GLU B 183 -17.26 -2.80 -29.82
CA GLU B 183 -16.20 -2.45 -30.75
C GLU B 183 -15.14 -1.56 -30.11
N ASN B 184 -15.56 -0.58 -29.30
CA ASN B 184 -14.64 0.42 -28.75
C ASN B 184 -15.06 0.77 -27.32
N PRO B 185 -14.41 0.19 -26.32
CA PRO B 185 -14.73 0.55 -24.93
C PRO B 185 -14.41 1.99 -24.57
N GLU B 186 -13.62 2.70 -25.38
CA GLU B 186 -13.26 4.08 -25.05
C GLU B 186 -14.48 5.01 -25.06
N ILE B 187 -15.51 4.68 -25.84
CA ILE B 187 -16.70 5.53 -25.86
C ILE B 187 -17.48 5.44 -24.56
N LEU B 188 -17.24 4.41 -23.76
CA LEU B 188 -17.88 4.27 -22.45
C LEU B 188 -17.00 4.87 -21.34
N ARG B 189 -16.57 6.11 -21.55
CA ARG B 189 -15.67 6.78 -20.61
C ARG B 189 -16.26 8.03 -20.00
N LYS B 190 -16.79 8.93 -20.84
CA LYS B 190 -17.33 10.20 -20.33
C LYS B 190 -18.54 9.96 -19.43
N THR B 191 -19.53 9.22 -19.95
CA THR B 191 -20.73 8.95 -19.16
C THR B 191 -20.41 8.06 -17.95
N ALA B 192 -19.50 7.11 -18.13
CA ALA B 192 -19.09 6.27 -17.01
C ALA B 192 -18.43 7.09 -15.91
N ASP B 193 -17.56 8.02 -16.29
CA ASP B 193 -16.91 8.87 -15.29
C ASP B 193 -17.91 9.79 -14.61
N ASP B 194 -18.85 10.36 -15.36
CA ASP B 194 -19.87 11.20 -14.75
C ASP B 194 -20.72 10.42 -13.75
N PHE B 195 -21.12 9.20 -14.13
CA PHE B 195 -21.89 8.37 -13.21
C PHE B 195 -21.05 7.96 -12.01
N LEU B 196 -19.74 7.77 -12.19
CA LEU B 196 -18.86 7.48 -11.07
C LEU B 196 -18.82 8.65 -10.09
N ASN B 197 -18.75 9.88 -10.60
CA ASN B 197 -18.81 11.04 -9.73
C ASN B 197 -20.14 11.11 -8.99
N ARG B 198 -21.25 10.87 -9.69
CA ARG B 198 -22.56 10.89 -9.05
C ARG B 198 -22.64 9.84 -7.94
N ILE B 199 -22.09 8.65 -8.18
CA ILE B 199 -22.02 7.63 -7.13
C ILE B 199 -21.20 8.15 -5.96
N ALA B 200 -20.05 8.77 -6.25
CA ALA B 200 -19.20 9.29 -5.19
C ALA B 200 -19.92 10.33 -4.34
N LEU B 201 -20.90 11.03 -4.92
CA LEU B 201 -21.66 11.99 -4.12
C LEU B 201 -22.52 11.31 -3.07
N THR B 202 -22.95 10.08 -3.31
CA THR B 202 -23.83 9.37 -2.37
C THR B 202 -22.99 8.62 -1.33
N ASP B 203 -23.66 7.77 -0.55
CA ASP B 203 -23.01 6.98 0.49
C ASP B 203 -22.60 5.59 -0.01
N ALA B 204 -22.57 5.39 -1.33
CA ALA B 204 -22.19 4.09 -1.88
C ALA B 204 -20.77 3.69 -1.53
N TYR B 205 -19.88 4.66 -1.26
CA TYR B 205 -18.51 4.34 -0.90
C TYR B 205 -18.41 3.60 0.43
N LEU B 206 -19.42 3.69 1.27
CA LEU B 206 -19.43 3.00 2.56
C LEU B 206 -20.24 1.71 2.55
N LEU B 207 -20.78 1.32 1.39
CA LEU B 207 -21.64 0.15 1.31
C LEU B 207 -21.20 -0.88 0.29
N TYR B 208 -20.47 -0.48 -0.74
CA TYR B 208 -20.11 -1.37 -1.84
C TYR B 208 -18.60 -1.32 -2.08
N THR B 209 -18.08 -2.36 -2.70
CA THR B 209 -16.67 -2.45 -3.02
C THR B 209 -16.34 -1.53 -4.21
N PRO B 210 -15.09 -1.06 -4.30
CA PRO B 210 -14.72 -0.21 -5.45
C PRO B 210 -14.91 -0.89 -6.80
N SER B 211 -14.64 -2.19 -6.88
CA SER B 211 -14.84 -2.92 -8.13
C SER B 211 -16.31 -2.95 -8.52
N GLN B 212 -17.19 -3.16 -7.54
CA GLN B 212 -18.63 -3.14 -7.82
C GLN B 212 -19.07 -1.76 -8.33
N ILE B 213 -18.57 -0.70 -7.71
CA ILE B 213 -18.92 0.66 -8.15
C ILE B 213 -18.42 0.90 -9.57
N ALA B 214 -17.19 0.48 -9.87
CA ALA B 214 -16.65 0.68 -11.21
C ALA B 214 -17.47 -0.08 -12.26
N LEU B 215 -17.81 -1.34 -11.97
CA LEU B 215 -18.60 -2.13 -12.91
C LEU B 215 -19.99 -1.53 -13.08
N THR B 216 -20.58 -1.04 -12.00
CA THR B 216 -21.89 -0.39 -12.09
C THR B 216 -21.84 0.83 -12.99
N ALA B 217 -20.80 1.65 -12.84
CA ALA B 217 -20.65 2.81 -13.70
C ALA B 217 -20.47 2.40 -15.16
N ILE B 218 -19.65 1.38 -15.41
CA ILE B 218 -19.40 0.93 -16.77
C ILE B 218 -20.69 0.45 -17.43
N LEU B 219 -21.44 -0.39 -16.73
CA LEU B 219 -22.66 -0.91 -17.35
C LEU B 219 -23.78 0.13 -17.41
N SER B 220 -23.78 1.11 -16.51
CA SER B 220 -24.71 2.22 -16.65
C SER B 220 -24.40 3.04 -17.90
N SER B 221 -23.11 3.29 -18.15
CA SER B 221 -22.72 3.97 -19.38
C SER B 221 -23.10 3.16 -20.61
N ALA B 222 -22.92 1.83 -20.54
CA ALA B 222 -23.33 0.97 -21.64
C ALA B 222 -24.83 1.05 -21.89
N SER B 223 -25.62 1.02 -20.82
CA SER B 223 -27.07 1.12 -20.95
C SER B 223 -27.48 2.45 -21.54
N ARG B 224 -26.83 3.55 -21.14
CA ARG B 224 -27.15 4.85 -21.71
C ARG B 224 -26.84 4.88 -23.21
N ALA B 225 -25.88 4.08 -23.66
CA ALA B 225 -25.54 3.99 -25.07
C ALA B 225 -26.35 2.94 -25.81
N GLY B 226 -27.20 2.20 -25.11
CA GLY B 226 -28.02 1.18 -25.72
C GLY B 226 -27.36 -0.16 -25.90
N ILE B 227 -26.14 -0.34 -25.42
CA ILE B 227 -25.40 -1.60 -25.57
C ILE B 227 -25.60 -2.42 -24.31
N THR B 228 -26.13 -3.64 -24.46
CA THR B 228 -26.26 -4.57 -23.36
C THR B 228 -25.02 -5.47 -23.30
N MET B 229 -24.54 -5.71 -22.09
CA MET B 229 -23.35 -6.53 -21.87
C MET B 229 -23.59 -7.57 -20.79
N GLU B 230 -24.79 -8.19 -20.80
CA GLU B 230 -25.04 -9.29 -19.89
C GLU B 230 -24.15 -10.49 -20.23
N SER B 231 -23.76 -10.62 -21.49
CA SER B 231 -22.86 -11.70 -21.87
C SER B 231 -21.47 -11.52 -21.28
N TYR B 232 -21.05 -10.27 -21.06
CA TYR B 232 -19.77 -10.02 -20.41
C TYR B 232 -19.74 -10.60 -19.00
N LEU B 233 -20.82 -10.43 -18.25
CA LEU B 233 -20.89 -11.02 -16.91
C LEU B 233 -21.07 -12.53 -16.99
N SER B 234 -21.97 -12.99 -17.87
CA SER B 234 -22.28 -14.42 -17.93
C SER B 234 -21.12 -15.23 -18.48
N GLU B 235 -20.56 -14.79 -19.60
CA GLU B 235 -19.56 -15.59 -20.33
C GLU B 235 -18.14 -15.15 -20.03
N SER B 236 -17.83 -13.87 -20.27
CA SER B 236 -16.47 -13.39 -20.07
C SER B 236 -16.05 -13.46 -18.61
N LEU B 237 -16.97 -13.15 -17.69
CA LEU B 237 -16.69 -13.21 -16.27
C LEU B 237 -16.99 -14.58 -15.65
N MET B 238 -17.40 -15.56 -16.47
CA MET B 238 -17.58 -16.94 -16.03
C MET B 238 -18.63 -17.07 -14.92
N LEU B 239 -19.71 -16.30 -15.05
CA LEU B 239 -20.81 -16.38 -14.08
C LEU B 239 -21.90 -17.35 -14.49
N LYS B 240 -21.75 -18.03 -15.63
CA LYS B 240 -22.70 -19.07 -15.97
C LYS B 240 -22.60 -20.25 -15.01
N GLU B 241 -21.42 -20.46 -14.41
CA GLU B 241 -21.25 -21.54 -13.45
C GLU B 241 -22.08 -21.31 -12.20
N ASN B 242 -22.36 -20.06 -11.87
CA ASN B 242 -23.08 -19.70 -10.65
C ASN B 242 -24.08 -18.59 -10.98
N ARG B 243 -25.35 -18.97 -11.18
CA ARG B 243 -26.38 -17.97 -11.45
C ARG B 243 -26.72 -17.17 -10.19
N THR B 244 -26.53 -17.76 -9.01
CA THR B 244 -26.78 -17.03 -7.77
C THR B 244 -25.84 -15.84 -7.63
N CYS B 245 -24.57 -16.03 -7.98
CA CYS B 245 -23.62 -14.91 -7.93
C CYS B 245 -23.99 -13.83 -8.93
N LEU B 246 -24.45 -14.21 -10.12
CA LEU B 246 -24.90 -13.24 -11.10
C LEU B 246 -26.10 -12.45 -10.59
N SER B 247 -27.05 -13.14 -9.95
CA SER B 247 -28.21 -12.45 -9.39
C SER B 247 -27.80 -11.50 -8.28
N GLN B 248 -26.84 -11.92 -7.44
CA GLN B 248 -26.36 -11.04 -6.37
C GLN B 248 -25.69 -9.79 -6.95
N LEU B 249 -24.87 -9.97 -7.99
CA LEU B 249 -24.21 -8.83 -8.62
C LEU B 249 -25.23 -7.88 -9.24
N LEU B 250 -26.24 -8.43 -9.93
CA LEU B 250 -27.27 -7.59 -10.52
C LEU B 250 -28.06 -6.85 -9.46
N ASP B 251 -28.36 -7.51 -8.34
CA ASP B 251 -29.05 -6.84 -7.24
C ASP B 251 -28.22 -5.71 -6.67
N ILE B 252 -26.92 -5.94 -6.48
CA ILE B 252 -26.04 -4.89 -5.98
C ILE B 252 -26.02 -3.70 -6.92
N MET B 253 -25.91 -3.96 -8.23
CA MET B 253 -25.88 -2.88 -9.21
C MET B 253 -27.20 -2.12 -9.25
N LYS B 254 -28.32 -2.83 -9.17
CA LYS B 254 -29.62 -2.17 -9.16
C LYS B 254 -29.78 -1.30 -7.92
N SER B 255 -29.30 -1.80 -6.78
CA SER B 255 -29.36 -1.02 -5.55
C SER B 255 -28.49 0.24 -5.65
N MET B 256 -27.31 0.12 -6.27
CA MET B 256 -26.48 1.29 -6.48
C MET B 256 -27.16 2.31 -7.38
N ARG B 257 -27.77 1.85 -8.47
CA ARG B 257 -28.46 2.77 -9.38
C ARG B 257 -29.62 3.46 -8.68
N ASN B 258 -30.37 2.72 -7.87
CA ASN B 258 -31.47 3.33 -7.11
C ASN B 258 -30.94 4.33 -6.09
N LEU B 259 -29.82 4.01 -5.44
CA LEU B 259 -29.22 4.92 -4.48
C LEU B 259 -28.82 6.23 -5.14
N VAL B 260 -28.24 6.15 -6.34
CA VAL B 260 -27.92 7.36 -7.08
C VAL B 260 -29.19 8.09 -7.50
N LYS B 261 -30.26 7.35 -7.82
CA LYS B 261 -31.50 7.97 -8.30
C LYS B 261 -32.15 8.84 -7.22
N LYS B 262 -32.16 8.37 -5.98
CA LYS B 262 -32.87 9.05 -4.91
C LYS B 262 -32.03 10.10 -4.20
N TYR B 263 -30.80 10.34 -4.64
CA TYR B 263 -29.95 11.33 -4.00
C TYR B 263 -30.54 12.73 -4.16
N GLU B 264 -30.55 13.48 -3.06
CA GLU B 264 -31.11 14.82 -3.04
C GLU B 264 -30.02 15.86 -2.85
N PRO B 265 -29.71 16.68 -3.86
CA PRO B 265 -28.69 17.71 -3.67
C PRO B 265 -29.18 18.76 -2.68
N PRO B 266 -28.28 19.35 -1.90
CA PRO B 266 -28.68 20.42 -0.98
C PRO B 266 -29.15 21.66 -1.72
N ARG B 267 -30.07 22.39 -1.09
CA ARG B 267 -30.61 23.62 -1.65
C ARG B 267 -30.01 24.83 -0.96
N SER B 268 -29.93 25.94 -1.70
CA SER B 268 -29.18 27.10 -1.23
C SER B 268 -29.79 27.70 0.03
N GLU B 269 -31.12 27.84 0.08
CA GLU B 269 -31.75 28.48 1.22
C GLU B 269 -31.63 27.63 2.49
N GLU B 270 -31.91 26.33 2.36
CA GLU B 270 -31.83 25.43 3.49
C GLU B 270 -30.39 25.38 3.99
N VAL B 271 -29.43 25.32 3.07
CA VAL B 271 -28.02 25.30 3.44
C VAL B 271 -27.62 26.59 4.15
N ALA B 272 -28.10 27.74 3.67
CA ALA B 272 -27.77 29.00 4.32
C ALA B 272 -28.31 29.04 5.75
N VAL B 273 -29.55 28.59 5.93
CA VAL B 273 -30.11 28.53 7.29
C VAL B 273 -29.28 27.60 8.16
N LEU B 274 -28.86 26.46 7.60
CA LEU B 274 -28.07 25.50 8.37
C LEU B 274 -26.70 26.08 8.73
N LYS B 275 -26.09 26.84 7.82
CA LYS B 275 -24.81 27.48 8.13
C LYS B 275 -24.99 28.50 9.25
N GLN B 276 -26.06 29.28 9.22
CA GLN B 276 -26.34 30.19 10.33
C GLN B 276 -26.48 29.43 11.64
N LYS B 277 -27.24 28.34 11.63
CA LYS B 277 -27.43 27.55 12.85
C LYS B 277 -26.10 26.99 13.37
N LEU B 278 -25.30 26.41 12.47
CA LEU B 278 -24.03 25.82 12.87
C LEU B 278 -23.07 26.87 13.40
N GLU B 279 -23.00 28.03 12.75
CA GLU B 279 -22.19 29.12 13.27
C GLU B 279 -22.65 29.55 14.65
N ARG B 280 -23.97 29.50 14.89
CA ARG B 280 -24.46 29.75 16.24
C ARG B 280 -23.96 28.69 17.22
N CYS B 281 -23.92 27.43 16.77
CA CYS B 281 -23.42 26.35 17.64
C CYS B 281 -21.94 26.52 17.96
N HIS B 282 -21.20 27.21 17.10
CA HIS B 282 -19.78 27.46 17.35
C HIS B 282 -19.57 28.87 17.88
N LYS C 13 -1.38 5.25 30.80
CA LYS C 13 -2.02 4.56 29.70
C LYS C 13 -2.14 3.06 29.96
N ARG C 14 -2.10 2.28 28.88
CA ARG C 14 -2.22 0.84 28.98
C ARG C 14 -0.90 0.11 29.15
N TYR C 15 0.23 0.80 28.94
CA TYR C 15 1.54 0.18 28.95
C TYR C 15 2.42 0.81 30.02
N GLU C 16 3.13 -0.03 30.76
CA GLU C 16 4.10 0.42 31.74
C GLU C 16 5.50 0.37 31.13
N LYS C 17 6.23 1.48 31.25
CA LYS C 17 7.55 1.59 30.64
C LYS C 17 8.55 0.77 31.44
N LEU C 18 9.01 -0.35 30.86
CA LEU C 18 9.92 -1.27 31.53
C LEU C 18 11.39 -0.95 31.27
N ASP C 19 11.75 -0.62 30.04
CA ASP C 19 13.16 -0.48 29.70
C ASP C 19 13.30 0.42 28.49
N PHE C 20 14.51 0.98 28.34
CA PHE C 20 14.87 1.77 27.16
C PHE C 20 15.66 0.87 26.22
N LEU C 21 15.21 0.76 24.97
CA LEU C 21 15.77 -0.17 24.01
C LEU C 21 16.82 0.47 23.11
N GLY C 22 16.48 1.56 22.45
CA GLY C 22 17.41 2.17 21.52
C GLY C 22 16.92 3.52 21.04
N GLU C 23 17.75 4.15 20.22
CA GLU C 23 17.50 5.48 19.69
C GLU C 23 17.43 5.43 18.17
N GLY C 24 16.91 6.51 17.59
CA GLY C 24 16.82 6.62 16.15
C GLY C 24 16.65 8.06 15.73
N GLN C 25 16.88 8.30 14.44
CA GLN C 25 16.74 9.65 13.90
C GLN C 25 15.28 10.12 13.92
N PHE C 26 14.33 9.19 13.94
CA PHE C 26 12.92 9.54 13.87
C PHE C 26 12.13 9.23 15.14
N ALA C 27 12.65 8.37 16.01
CA ALA C 27 11.86 7.92 17.15
C ALA C 27 12.78 7.30 18.20
N THR C 28 12.18 7.03 19.37
CA THR C 28 12.85 6.32 20.45
C THR C 28 11.99 5.13 20.87
N VAL C 29 12.64 4.00 21.14
CA VAL C 29 11.94 2.73 21.35
C VAL C 29 12.10 2.31 22.81
N TYR C 30 11.00 1.89 23.42
CA TYR C 30 10.95 1.45 24.80
C TYR C 30 10.31 0.08 24.89
N LYS C 31 10.89 -0.79 25.69
CA LYS C 31 10.27 -2.08 26.02
C LYS C 31 9.25 -1.86 27.12
N ALA C 32 8.00 -2.24 26.87
CA ALA C 32 6.91 -2.00 27.80
C ALA C 32 6.06 -3.24 27.93
N ARG C 33 5.15 -3.22 28.91
CA ARG C 33 4.22 -4.32 29.14
C ARG C 33 2.81 -3.76 29.22
N ASP C 34 1.88 -4.37 28.48
CA ASP C 34 0.47 -4.03 28.62
C ASP C 34 -0.19 -4.94 29.64
N LYS C 35 -0.98 -4.33 30.52
CA LYS C 35 -1.59 -5.03 31.65
C LYS C 35 -2.91 -5.71 31.29
N ASN C 36 -3.58 -5.26 30.24
CA ASN C 36 -4.81 -5.92 29.82
C ASN C 36 -4.56 -7.37 29.42
N THR C 37 -3.48 -7.61 28.68
CA THR C 37 -3.04 -8.95 28.34
C THR C 37 -1.67 -9.28 28.93
N ASN C 38 -1.12 -8.40 29.75
CA ASN C 38 0.19 -8.56 30.42
C ASN C 38 1.23 -9.14 29.46
N GLN C 39 1.42 -8.44 28.34
CA GLN C 39 2.34 -8.88 27.30
C GLN C 39 3.41 -7.83 27.05
N ILE C 40 4.58 -8.30 26.64
CA ILE C 40 5.72 -7.43 26.36
C ILE C 40 5.63 -6.96 24.91
N VAL C 41 5.75 -5.64 24.72
CA VAL C 41 5.66 -5.00 23.42
C VAL C 41 6.73 -3.91 23.36
N ALA C 42 6.86 -3.30 22.19
CA ALA C 42 7.82 -2.21 21.97
C ALA C 42 7.05 -0.97 21.53
N ILE C 43 7.18 0.10 22.30
CA ILE C 43 6.53 1.38 22.00
C ILE C 43 7.54 2.28 21.32
N LYS C 44 7.15 2.88 20.21
CA LYS C 44 8.00 3.77 19.43
C LYS C 44 7.40 5.17 19.58
N LYS C 45 8.04 5.98 20.43
CA LYS C 45 7.71 7.39 20.61
C LYS C 45 8.29 8.16 19.42
N ILE C 46 7.42 8.81 18.66
CA ILE C 46 7.85 9.60 17.51
C ILE C 46 8.41 10.92 18.01
N LYS C 47 9.64 11.23 17.63
CA LYS C 47 10.31 12.46 18.05
C LYS C 47 10.40 13.47 16.92
N LYS C 55 5.94 23.02 11.11
CA LYS C 55 4.67 23.27 10.43
C LYS C 55 4.35 22.15 9.45
N ASP C 56 5.19 21.10 9.47
CA ASP C 56 4.96 19.97 8.58
C ASP C 56 3.76 19.15 9.02
N GLY C 57 3.66 18.84 10.31
CA GLY C 57 2.58 18.03 10.83
C GLY C 57 3.11 16.73 11.42
N ILE C 58 2.27 15.70 11.38
CA ILE C 58 2.70 14.37 11.80
C ILE C 58 3.82 13.92 10.88
N ASN C 59 4.80 13.22 11.46
CA ASN C 59 5.95 12.76 10.70
C ASN C 59 5.52 11.85 9.56
N ARG C 60 6.02 12.12 8.36
CA ARG C 60 5.62 11.37 7.18
C ARG C 60 6.09 9.92 7.24
N THR C 61 7.26 9.68 7.82
CA THR C 61 7.75 8.31 7.96
C THR C 61 6.84 7.49 8.86
N ALA C 62 6.42 8.07 9.99
CA ALA C 62 5.50 7.37 10.89
C ALA C 62 4.15 7.15 10.23
N LEU C 63 3.66 8.13 9.47
CA LEU C 63 2.41 7.96 8.75
C LEU C 63 2.52 6.84 7.73
N ARG C 64 3.65 6.75 7.02
CA ARG C 64 3.86 5.67 6.07
C ARG C 64 3.87 4.32 6.76
N GLU C 65 4.57 4.21 7.89
CA GLU C 65 4.59 2.95 8.62
C GLU C 65 3.19 2.57 9.09
N ILE C 66 2.41 3.55 9.57
CA ILE C 66 1.06 3.28 10.05
C ILE C 66 0.18 2.80 8.89
N LYS C 67 0.23 3.52 7.77
CA LYS C 67 -0.65 3.21 6.66
C LYS C 67 -0.28 1.89 6.00
N LEU C 68 0.97 1.46 6.10
CA LEU C 68 1.35 0.21 5.44
C LEU C 68 1.21 -1.00 6.36
N LEU C 69 1.54 -0.86 7.65
CA LEU C 69 1.50 -2.02 8.52
C LEU C 69 0.08 -2.41 8.94
N GLN C 70 -0.89 -1.52 8.79
CA GLN C 70 -2.27 -1.87 9.11
C GLN C 70 -2.91 -2.74 8.03
N GLU C 71 -2.44 -2.63 6.79
CA GLU C 71 -3.00 -3.38 5.67
C GLU C 71 -2.32 -4.72 5.44
N LEU C 72 -1.30 -5.06 6.24
CA LEU C 72 -0.52 -6.27 6.04
C LEU C 72 -0.59 -7.14 7.28
N SER C 73 -0.69 -8.46 7.06
CA SER C 73 -0.74 -9.42 8.15
C SER C 73 -0.08 -10.71 7.67
N HIS C 74 1.09 -11.01 8.22
CA HIS C 74 1.84 -12.20 7.84
C HIS C 74 2.76 -12.58 8.99
N PRO C 75 3.03 -13.87 9.20
CA PRO C 75 3.89 -14.26 10.33
C PRO C 75 5.30 -13.68 10.27
N ASN C 76 5.81 -13.38 9.07
CA ASN C 76 7.17 -12.89 8.91
C ASN C 76 7.21 -11.39 8.60
N ILE C 77 6.18 -10.66 9.03
CA ILE C 77 6.16 -9.21 8.93
C ILE C 77 5.78 -8.67 10.30
N ILE C 78 6.49 -7.63 10.75
CA ILE C 78 6.26 -7.08 12.08
C ILE C 78 4.84 -6.56 12.17
N GLY C 79 4.16 -6.89 13.27
CA GLY C 79 2.77 -6.51 13.48
C GLY C 79 2.65 -5.22 14.26
N LEU C 80 1.81 -4.32 13.75
CA LEU C 80 1.47 -3.08 14.45
C LEU C 80 0.27 -3.37 15.34
N LEU C 81 0.55 -3.73 16.59
CA LEU C 81 -0.51 -4.15 17.50
C LEU C 81 -1.46 -3.01 17.84
N ASP C 82 -0.92 -1.81 18.08
CA ASP C 82 -1.74 -0.70 18.51
C ASP C 82 -1.01 0.60 18.21
N ALA C 83 -1.78 1.69 18.10
CA ALA C 83 -1.23 3.02 17.94
C ALA C 83 -2.22 4.03 18.50
N PHE C 84 -1.69 5.14 19.02
CA PHE C 84 -2.52 6.22 19.52
C PHE C 84 -1.66 7.48 19.62
N GLY C 85 -2.25 8.53 20.18
CA GLY C 85 -1.55 9.79 20.37
C GLY C 85 -1.48 10.22 21.82
N ILE C 90 2.47 10.66 19.16
CA ILE C 90 2.07 9.38 18.58
C ILE C 90 3.08 8.30 18.94
N SER C 91 2.59 7.17 19.46
CA SER C 91 3.42 6.02 19.77
C SER C 91 2.92 4.82 18.99
N LEU C 92 3.84 4.09 18.38
CA LEU C 92 3.52 2.91 17.60
C LEU C 92 3.91 1.67 18.40
N VAL C 93 2.95 0.78 18.63
CA VAL C 93 3.16 -0.42 19.43
C VAL C 93 3.40 -1.59 18.49
N PHE C 94 4.53 -2.26 18.64
CA PHE C 94 4.89 -3.43 17.86
C PHE C 94 5.12 -4.60 18.81
N ASP C 95 5.15 -5.81 18.23
CA ASP C 95 5.60 -6.96 18.99
C ASP C 95 7.06 -6.77 19.39
N PHE C 96 7.42 -7.33 20.53
CA PHE C 96 8.78 -7.19 21.06
C PHE C 96 9.67 -8.26 20.45
N MET C 97 10.79 -7.84 19.88
CA MET C 97 11.75 -8.72 19.23
C MET C 97 13.07 -8.68 19.99
N GLU C 98 13.60 -9.86 20.32
CA GLU C 98 14.81 -9.93 21.14
C GLU C 98 16.01 -9.32 20.41
N THR C 99 16.27 -9.78 19.19
CA THR C 99 17.50 -9.41 18.48
C THR C 99 17.15 -9.08 17.03
N ASN C 100 18.20 -8.94 16.23
CA ASN C 100 18.07 -8.79 14.78
C ASN C 100 19.18 -9.62 14.12
N LEU C 101 19.06 -9.80 12.80
CA LEU C 101 20.01 -10.65 12.09
C LEU C 101 21.41 -10.08 12.11
N GLU C 102 21.55 -8.75 12.16
CA GLU C 102 22.88 -8.15 12.20
C GLU C 102 23.63 -8.52 13.47
N VAL C 103 22.92 -8.61 14.60
CA VAL C 103 23.54 -9.01 15.85
C VAL C 103 24.09 -10.44 15.74
N ILE C 104 23.32 -11.34 15.15
CA ILE C 104 23.77 -12.72 14.97
C ILE C 104 24.97 -12.77 14.03
N ILE C 105 24.92 -12.01 12.93
CA ILE C 105 26.00 -12.04 11.96
C ILE C 105 27.30 -11.51 12.57
N LYS C 106 27.23 -10.35 13.23
CA LYS C 106 28.42 -9.75 13.81
C LYS C 106 28.95 -10.50 15.02
N ASP C 107 28.17 -11.42 15.58
CA ASP C 107 28.66 -12.24 16.68
C ASP C 107 29.65 -13.28 16.16
N ASN C 108 30.65 -13.59 16.98
CA ASN C 108 31.65 -14.59 16.62
C ASN C 108 31.44 -15.91 17.33
N SER C 109 30.85 -15.90 18.53
CA SER C 109 30.61 -17.15 19.25
C SER C 109 29.64 -18.05 18.49
N LEU C 110 28.58 -17.46 17.92
CA LEU C 110 27.62 -18.24 17.17
C LEU C 110 28.21 -18.67 15.83
N VAL C 111 27.97 -19.93 15.47
CA VAL C 111 28.34 -20.47 14.17
C VAL C 111 27.08 -20.61 13.34
N LEU C 112 27.16 -20.24 12.06
CA LEU C 112 26.01 -20.26 11.17
C LEU C 112 26.15 -21.47 10.25
N THR C 113 25.54 -22.58 10.66
CA THR C 113 25.48 -23.76 9.83
C THR C 113 24.59 -23.50 8.62
N PRO C 114 24.76 -24.26 7.53
CA PRO C 114 23.93 -24.04 6.34
C PRO C 114 22.44 -24.14 6.62
N SER C 115 22.03 -24.98 7.58
CA SER C 115 20.60 -25.06 7.92
C SER C 115 20.09 -23.75 8.51
N HIS C 116 20.89 -23.10 9.36
CA HIS C 116 20.47 -21.81 9.92
C HIS C 116 20.31 -20.76 8.82
N ILE C 117 21.28 -20.72 7.89
CA ILE C 117 21.19 -19.78 6.77
C ILE C 117 19.96 -20.08 5.94
N LYS C 118 19.67 -21.36 5.71
CA LYS C 118 18.48 -21.74 4.96
C LYS C 118 17.22 -21.27 5.66
N ALA C 119 17.15 -21.42 6.98
CA ALA C 119 15.98 -20.98 7.73
C ALA C 119 15.78 -19.47 7.65
N TYR C 120 16.87 -18.72 7.84
CA TYR C 120 16.78 -17.26 7.76
C TYR C 120 16.34 -16.82 6.37
N MET C 121 16.93 -17.41 5.33
CA MET C 121 16.56 -17.07 3.96
C MET C 121 15.11 -17.43 3.67
N LEU C 122 14.66 -18.58 4.18
CA LEU C 122 13.29 -19.02 3.95
C LEU C 122 12.30 -18.05 4.58
N MET C 123 12.54 -17.66 5.83
CA MET C 123 11.63 -16.72 6.49
C MET C 123 11.64 -15.37 5.78
N THR C 124 12.83 -14.87 5.42
CA THR C 124 12.92 -13.60 4.72
C THR C 124 12.18 -13.65 3.39
N LEU C 125 12.35 -14.74 2.64
CA LEU C 125 11.73 -14.82 1.32
C LEU C 125 10.23 -15.03 1.42
N GLN C 126 9.74 -15.73 2.45
CA GLN C 126 8.30 -15.84 2.65
C GLN C 126 7.68 -14.48 2.97
N GLY C 127 8.30 -13.73 3.88
CA GLY C 127 7.82 -12.40 4.17
C GLY C 127 7.84 -11.49 2.95
N LEU C 128 8.93 -11.55 2.18
CA LEU C 128 9.03 -10.71 0.99
C LEU C 128 8.06 -11.14 -0.10
N GLU C 129 7.78 -12.44 -0.23
CA GLU C 129 6.77 -12.89 -1.19
C GLU C 129 5.41 -12.36 -0.83
N TYR C 130 5.05 -12.42 0.46
CA TYR C 130 3.79 -11.82 0.88
C TYR C 130 3.77 -10.32 0.60
N LEU C 131 4.87 -9.63 0.90
CA LEU C 131 4.91 -8.18 0.70
C LEU C 131 4.77 -7.81 -0.78
N HIS C 132 5.46 -8.54 -1.66
CA HIS C 132 5.39 -8.24 -3.09
C HIS C 132 4.04 -8.63 -3.68
N GLN C 133 3.40 -9.65 -3.13
CA GLN C 133 2.06 -10.02 -3.61
C GLN C 133 1.07 -8.88 -3.44
N HIS C 134 1.25 -8.06 -2.41
CA HIS C 134 0.42 -6.88 -2.17
C HIS C 134 1.03 -5.61 -2.75
N TRP C 135 1.97 -5.75 -3.69
CA TRP C 135 2.50 -4.63 -4.47
C TRP C 135 3.14 -3.57 -3.57
N ILE C 136 4.03 -4.00 -2.70
CA ILE C 136 4.78 -3.11 -1.81
C ILE C 136 6.25 -3.50 -1.83
N LEU C 137 7.12 -2.52 -2.07
CA LEU C 137 8.56 -2.72 -1.98
C LEU C 137 9.06 -2.25 -0.62
N HIS C 138 9.85 -3.09 0.06
CA HIS C 138 10.39 -2.72 1.36
C HIS C 138 11.39 -1.58 1.24
N ARG C 139 12.36 -1.71 0.34
CA ARG C 139 13.34 -0.68 -0.01
C ARG C 139 14.30 -0.33 1.12
N ASP C 140 14.29 -1.06 2.23
CA ASP C 140 15.28 -0.84 3.29
C ASP C 140 15.74 -2.16 3.87
N LEU C 141 15.99 -3.16 3.02
CA LEU C 141 16.34 -4.49 3.49
C LEU C 141 17.82 -4.53 3.85
N LYS C 142 18.10 -4.91 5.10
CA LYS C 142 19.46 -5.12 5.58
C LYS C 142 19.37 -5.93 6.87
N PRO C 143 20.49 -6.55 7.31
CA PRO C 143 20.39 -7.52 8.41
C PRO C 143 19.78 -6.95 9.69
N ASN C 144 20.06 -5.70 10.05
CA ASN C 144 19.50 -5.16 11.29
C ASN C 144 18.03 -4.81 11.16
N ASN C 145 17.48 -4.80 9.94
CA ASN C 145 16.06 -4.59 9.74
C ASN C 145 15.28 -5.89 9.69
N LEU C 146 15.94 -7.03 9.92
CA LEU C 146 15.29 -8.33 10.01
C LEU C 146 15.31 -8.74 11.47
N LEU C 147 14.20 -8.52 12.16
CA LEU C 147 14.14 -8.73 13.60
C LEU C 147 13.83 -10.19 13.92
N LEU C 148 14.40 -10.65 15.03
CA LEU C 148 14.21 -12.01 15.51
C LEU C 148 13.53 -11.97 16.87
N ASP C 149 12.66 -12.95 17.12
CA ASP C 149 11.97 -13.05 18.40
C ASP C 149 12.58 -14.17 19.24
N GLU C 150 11.98 -14.40 20.41
CA GLU C 150 12.49 -15.44 21.31
C GLU C 150 12.27 -16.83 20.74
N ASN C 151 11.22 -17.03 19.95
CA ASN C 151 10.91 -18.32 19.36
C ASN C 151 11.64 -18.56 18.05
N GLY C 152 12.42 -17.59 17.57
CA GLY C 152 13.16 -17.76 16.33
C GLY C 152 12.44 -17.36 15.07
N VAL C 153 11.38 -16.57 15.18
CA VAL C 153 10.63 -16.11 14.01
C VAL C 153 11.24 -14.83 13.51
N LEU C 154 11.57 -14.79 12.22
CA LEU C 154 12.18 -13.62 11.59
C LEU C 154 11.08 -12.78 10.94
N LYS C 155 11.11 -11.47 11.18
CA LYS C 155 10.12 -10.55 10.64
C LYS C 155 10.81 -9.33 10.04
N LEU C 156 10.33 -8.93 8.87
CA LEU C 156 10.78 -7.67 8.29
C LEU C 156 10.23 -6.50 9.10
N ALA C 157 11.03 -5.45 9.20
CA ALA C 157 10.65 -4.27 9.98
C ALA C 157 11.19 -3.03 9.27
N ASP C 158 11.02 -1.87 9.91
CA ASP C 158 11.46 -0.59 9.38
C ASP C 158 10.82 -0.30 8.03
N PHE C 159 9.50 -0.15 8.05
CA PHE C 159 8.71 0.14 6.86
C PHE C 159 8.61 1.64 6.59
N GLY C 160 9.55 2.44 7.08
CA GLY C 160 9.52 3.87 6.86
C GLY C 160 9.99 4.33 5.50
N LEU C 161 10.60 3.43 4.72
CA LEU C 161 10.98 3.73 3.34
C LEU C 161 10.16 2.93 2.34
N ALA C 162 9.24 2.09 2.80
CA ALA C 162 8.49 1.22 1.90
C ALA C 162 7.52 2.03 1.03
N LYS C 163 7.15 1.46 -0.11
CA LYS C 163 6.29 2.14 -1.06
C LYS C 163 5.58 1.11 -1.92
N SER C 164 4.42 1.50 -2.43
CA SER C 164 3.64 0.65 -3.32
C SER C 164 4.08 0.89 -4.76
N PHE C 165 4.27 -0.20 -5.50
CA PHE C 165 4.73 -0.12 -6.89
C PHE C 165 3.66 -0.70 -7.81
N GLY C 166 4.01 -0.76 -9.10
CA GLY C 166 3.10 -1.27 -10.11
C GLY C 166 2.27 -0.21 -10.81
N SER C 167 2.28 1.02 -10.32
CA SER C 167 1.56 2.10 -10.96
C SER C 167 2.45 2.85 -11.92
N PRO C 168 2.05 3.01 -13.19
CA PRO C 168 2.83 3.72 -14.21
C PRO C 168 3.08 5.18 -13.85
N TYR C 172 9.46 7.86 -7.98
CA TYR C 172 10.33 7.20 -7.02
C TYR C 172 11.73 7.80 -7.05
N THR C 173 12.22 8.18 -5.87
CA THR C 173 13.59 8.67 -5.77
C THR C 173 14.58 7.52 -5.93
N HIS C 174 15.70 7.80 -6.60
CA HIS C 174 16.72 6.78 -6.80
C HIS C 174 17.64 6.61 -5.60
N GLN C 175 17.59 7.52 -4.62
CA GLN C 175 18.40 7.43 -3.42
C GLN C 175 17.61 6.72 -2.33
N VAL C 176 17.47 5.40 -2.49
CA VAL C 176 16.83 4.54 -1.51
C VAL C 176 17.74 3.34 -1.28
N VAL C 177 17.46 2.63 -0.18
CA VAL C 177 18.23 1.47 0.28
C VAL C 177 19.62 1.91 0.73
N THR C 178 20.13 1.29 1.79
CA THR C 178 21.49 1.56 2.22
C THR C 178 22.47 1.22 1.10
N ARG C 179 23.56 1.98 1.03
CA ARG C 179 24.46 1.88 -0.12
C ARG C 179 25.07 0.49 -0.25
N TRP C 180 25.41 -0.13 0.88
CA TRP C 180 25.99 -1.48 0.82
C TRP C 180 25.02 -2.51 0.26
N TYR C 181 23.72 -2.21 0.26
CA TYR C 181 22.70 -3.16 -0.19
C TYR C 181 21.91 -2.64 -1.38
N ARG C 182 22.40 -1.59 -2.05
CA ARG C 182 21.68 -0.98 -3.16
C ARG C 182 21.98 -1.72 -4.46
N ALA C 183 20.94 -1.90 -5.27
CA ALA C 183 21.05 -2.58 -6.55
C ALA C 183 21.70 -1.66 -7.59
N PRO C 184 22.37 -2.22 -8.59
CA PRO C 184 23.05 -1.38 -9.59
C PRO C 184 22.12 -0.46 -10.35
N GLU C 185 20.87 -0.86 -10.62
CA GLU C 185 19.96 0.02 -11.32
C GLU C 185 19.65 1.28 -10.50
N LEU C 186 19.53 1.12 -9.18
CA LEU C 186 19.35 2.27 -8.31
C LEU C 186 20.58 3.18 -8.31
N LEU C 187 21.78 2.57 -8.29
CA LEU C 187 23.00 3.35 -8.36
C LEU C 187 23.12 4.12 -9.66
N PHE C 188 22.60 3.55 -10.75
CA PHE C 188 22.53 4.25 -12.03
C PHE C 188 21.33 5.19 -12.12
N GLY C 189 20.70 5.52 -10.99
CA GLY C 189 19.62 6.48 -10.97
C GLY C 189 18.34 6.05 -11.65
N ALA C 190 17.95 4.78 -11.50
CA ALA C 190 16.69 4.34 -12.04
C ALA C 190 15.53 4.96 -11.27
N ARG C 191 14.57 5.53 -11.99
CA ARG C 191 13.40 6.13 -11.37
C ARG C 191 12.30 5.10 -11.13
N MET C 192 11.95 4.33 -12.15
CA MET C 192 10.96 3.27 -12.03
C MET C 192 11.66 1.93 -11.92
N TYR C 193 11.23 1.10 -10.98
CA TYR C 193 11.84 -0.21 -10.77
C TYR C 193 10.76 -1.15 -10.23
N GLY C 194 11.18 -2.35 -9.85
CA GLY C 194 10.27 -3.35 -9.34
C GLY C 194 10.81 -4.07 -8.11
N VAL C 195 10.48 -5.36 -7.99
CA VAL C 195 10.90 -6.13 -6.82
C VAL C 195 12.40 -6.38 -6.81
N GLY C 196 13.10 -6.15 -7.93
CA GLY C 196 14.51 -6.45 -7.99
C GLY C 196 15.31 -5.68 -6.95
N VAL C 197 14.92 -4.43 -6.68
CA VAL C 197 15.64 -3.63 -5.70
C VAL C 197 15.60 -4.29 -4.32
N ASP C 198 14.53 -5.02 -4.01
CA ASP C 198 14.53 -5.83 -2.80
C ASP C 198 15.38 -7.09 -2.98
N MET C 199 15.23 -7.76 -4.12
CA MET C 199 15.87 -9.06 -4.31
C MET C 199 17.38 -8.95 -4.22
N TRP C 200 17.96 -7.95 -4.87
CA TRP C 200 19.40 -7.72 -4.78
C TRP C 200 19.83 -7.60 -3.33
N ALA C 201 19.08 -6.84 -2.53
CA ALA C 201 19.42 -6.70 -1.12
C ALA C 201 19.44 -8.06 -0.44
N VAL C 202 18.45 -8.90 -0.72
CA VAL C 202 18.43 -10.24 -0.15
C VAL C 202 19.73 -10.97 -0.48
N GLY C 203 20.17 -10.86 -1.74
CA GLY C 203 21.41 -11.50 -2.12
C GLY C 203 22.57 -11.03 -1.26
N CYS C 204 22.67 -9.71 -1.06
CA CYS C 204 23.71 -9.19 -0.19
C CYS C 204 23.59 -9.77 1.21
N ILE C 205 22.37 -9.83 1.73
CA ILE C 205 22.15 -10.42 3.04
C ILE C 205 22.65 -11.86 3.04
N LEU C 206 22.32 -12.61 1.99
CA LEU C 206 22.79 -13.98 1.90
C LEU C 206 24.31 -14.02 1.92
N ALA C 207 24.94 -13.12 1.16
CA ALA C 207 26.40 -13.03 1.19
C ALA C 207 26.89 -12.73 2.60
N GLU C 208 26.23 -11.79 3.27
CA GLU C 208 26.62 -11.46 4.65
C GLU C 208 26.46 -12.66 5.56
N LEU C 209 25.52 -13.56 5.25
CA LEU C 209 25.36 -14.75 6.07
C LEU C 209 26.46 -15.78 5.83
N LEU C 210 27.09 -15.75 4.66
CA LEU C 210 28.12 -16.72 4.33
C LEU C 210 29.51 -16.26 4.73
N LEU C 211 29.82 -14.97 4.53
CA LEU C 211 31.13 -14.44 4.84
C LEU C 211 31.22 -13.78 6.22
N ARG C 212 30.09 -13.59 6.90
CA ARG C 212 30.03 -12.90 8.19
C ARG C 212 30.64 -11.51 8.11
N VAL C 213 30.49 -10.86 6.96
CA VAL C 213 31.08 -9.54 6.71
C VAL C 213 30.28 -8.92 5.56
N PRO C 214 30.15 -7.59 5.50
CA PRO C 214 29.45 -6.98 4.36
C PRO C 214 30.09 -7.37 3.04
N PHE C 215 29.25 -7.62 2.04
CA PHE C 215 29.71 -8.12 0.75
C PHE C 215 30.35 -7.01 -0.08
N LEU C 216 29.71 -5.84 -0.14
CA LEU C 216 30.16 -4.72 -0.97
C LEU C 216 30.17 -3.46 -0.13
N PRO C 217 31.19 -3.27 0.71
CA PRO C 217 31.27 -2.06 1.57
C PRO C 217 31.90 -0.86 0.88
N GLY C 218 31.12 -0.21 0.02
CA GLY C 218 31.59 0.96 -0.70
C GLY C 218 31.43 2.25 0.08
N ASP C 219 32.34 3.18 -0.16
CA ASP C 219 32.32 4.48 0.51
C ASP C 219 31.53 5.54 -0.24
N SER C 220 31.09 5.24 -1.46
CA SER C 220 30.33 6.19 -2.26
C SER C 220 29.64 5.42 -3.38
N ASP C 221 28.74 6.12 -4.08
CA ASP C 221 27.99 5.47 -5.16
C ASP C 221 28.92 4.97 -6.25
N LEU C 222 29.87 5.80 -6.68
CA LEU C 222 30.85 5.37 -7.66
C LEU C 222 31.70 4.22 -7.11
N ASP C 223 32.11 4.33 -5.84
CA ASP C 223 32.88 3.25 -5.23
C ASP C 223 32.05 1.98 -5.12
N GLN C 224 30.76 2.10 -4.76
CA GLN C 224 29.92 0.92 -4.66
C GLN C 224 29.77 0.24 -6.01
N LEU C 225 29.56 1.01 -7.08
CA LEU C 225 29.49 0.44 -8.42
C LEU C 225 30.81 -0.23 -8.79
N THR C 226 31.93 0.41 -8.44
CA THR C 226 33.24 -0.16 -8.75
C THR C 226 33.43 -1.50 -8.06
N ARG C 227 33.07 -1.59 -6.78
CA ARG C 227 33.21 -2.86 -6.07
C ARG C 227 32.26 -3.92 -6.63
N ILE C 228 31.05 -3.51 -7.01
CA ILE C 228 30.10 -4.44 -7.62
C ILE C 228 30.70 -5.04 -8.88
N PHE C 229 31.24 -4.19 -9.76
CA PHE C 229 31.79 -4.67 -11.01
C PHE C 229 33.12 -5.41 -10.83
N GLU C 230 33.86 -5.13 -9.77
CA GLU C 230 35.03 -5.93 -9.47
C GLU C 230 34.63 -7.33 -9.02
N THR C 231 33.60 -7.43 -8.17
CA THR C 231 33.22 -8.73 -7.61
C THR C 231 32.48 -9.59 -8.63
N LEU C 232 31.65 -8.99 -9.46
CA LEU C 232 30.79 -9.76 -10.37
C LEU C 232 31.07 -9.54 -11.84
N GLY C 233 31.91 -8.57 -12.21
CA GLY C 233 32.19 -8.30 -13.60
C GLY C 233 31.33 -7.16 -14.14
N THR C 234 31.85 -6.51 -15.18
CA THR C 234 31.14 -5.41 -15.83
C THR C 234 30.15 -5.98 -16.83
N PRO C 235 28.85 -5.76 -16.67
CA PRO C 235 27.88 -6.33 -17.60
C PRO C 235 27.92 -5.63 -18.96
N THR C 236 27.41 -6.34 -19.96
CA THR C 236 27.30 -5.84 -21.32
C THR C 236 25.83 -5.67 -21.67
N GLU C 237 25.58 -5.23 -22.91
CA GLU C 237 24.21 -5.10 -23.38
C GLU C 237 23.51 -6.45 -23.46
N GLU C 238 24.28 -7.54 -23.56
CA GLU C 238 23.69 -8.87 -23.52
C GLU C 238 23.08 -9.15 -22.15
N GLN C 239 23.78 -8.75 -21.09
CA GLN C 239 23.30 -8.98 -19.73
C GLN C 239 22.34 -7.89 -19.24
N TRP C 240 22.24 -6.78 -19.95
CA TRP C 240 21.42 -5.65 -19.53
C TRP C 240 21.11 -4.80 -20.76
N PRO C 241 20.02 -5.12 -21.48
CA PRO C 241 19.82 -4.54 -22.82
C PRO C 241 19.78 -3.02 -22.86
N ASP C 242 19.19 -2.38 -21.86
CA ASP C 242 18.99 -0.93 -21.88
C ASP C 242 19.80 -0.23 -20.78
N MET C 243 21.00 -0.73 -20.54
CA MET C 243 21.86 -0.17 -19.49
C MET C 243 22.12 1.31 -19.73
N CYS C 244 22.46 1.69 -20.97
CA CYS C 244 22.90 3.04 -21.26
C CYS C 244 21.77 4.07 -21.22
N SER C 245 20.51 3.63 -21.12
CA SER C 245 19.41 4.59 -21.09
C SER C 245 19.18 5.19 -19.71
N LEU C 246 19.81 4.67 -18.68
CA LEU C 246 19.64 5.22 -17.33
C LEU C 246 20.34 6.57 -17.24
N PRO C 247 19.71 7.60 -16.68
CA PRO C 247 20.29 8.94 -16.71
C PRO C 247 21.64 9.05 -16.00
N ASP C 248 21.87 8.26 -14.96
CA ASP C 248 23.11 8.32 -14.20
C ASP C 248 24.10 7.24 -14.60
N TYR C 249 24.03 6.76 -15.84
CA TYR C 249 24.92 5.71 -16.31
C TYR C 249 26.19 6.33 -16.90
N VAL C 250 27.34 5.87 -16.41
CA VAL C 250 28.63 6.25 -16.96
C VAL C 250 29.41 4.97 -17.23
N THR C 251 30.25 5.01 -18.27
CA THR C 251 31.02 3.83 -18.64
C THR C 251 32.11 3.57 -17.60
N PHE C 252 32.21 2.31 -17.18
CA PHE C 252 33.19 1.88 -16.20
C PHE C 252 34.28 1.04 -16.86
N LYS C 253 35.34 0.79 -16.10
CA LYS C 253 36.38 -0.11 -16.56
C LYS C 253 35.83 -1.54 -16.64
N SER C 254 36.45 -2.36 -17.48
CA SER C 254 36.03 -3.73 -17.67
C SER C 254 36.77 -4.65 -16.71
N PHE C 255 36.02 -5.46 -15.97
CA PHE C 255 36.60 -6.46 -15.10
C PHE C 255 36.03 -7.83 -15.45
N PRO C 256 36.81 -8.89 -15.26
CA PRO C 256 36.27 -10.24 -15.51
C PRO C 256 35.33 -10.69 -14.42
N GLY C 257 35.55 -10.18 -13.20
CA GLY C 257 34.73 -10.56 -12.07
C GLY C 257 35.15 -11.90 -11.50
N ILE C 258 35.25 -11.99 -10.19
CA ILE C 258 35.63 -13.27 -9.56
C ILE C 258 34.49 -14.25 -9.72
N PRO C 259 34.74 -15.46 -10.24
CA PRO C 259 33.67 -16.47 -10.30
C PRO C 259 33.17 -16.81 -8.91
N LEU C 260 31.86 -17.07 -8.83
CA LEU C 260 31.18 -17.11 -7.55
C LEU C 260 31.68 -18.24 -6.65
N HIS C 261 32.24 -19.30 -7.24
CA HIS C 261 32.62 -20.45 -6.42
C HIS C 261 33.89 -20.19 -5.61
N HIS C 262 34.79 -19.33 -6.10
CA HIS C 262 35.90 -18.91 -5.23
C HIS C 262 35.45 -17.89 -4.19
N ILE C 263 34.42 -17.10 -4.50
CA ILE C 263 33.90 -16.15 -3.51
C ILE C 263 33.35 -16.90 -2.31
N PHE C 264 32.56 -17.95 -2.56
CA PHE C 264 31.93 -18.75 -1.52
C PHE C 264 32.47 -20.17 -1.65
N SER C 265 33.60 -20.44 -1.01
CA SER C 265 34.23 -21.75 -1.11
C SER C 265 33.36 -22.84 -0.52
N ALA C 266 32.76 -22.58 0.64
CA ALA C 266 31.91 -23.57 1.32
C ALA C 266 30.46 -23.27 0.99
N ALA C 267 30.04 -23.70 -0.20
CA ALA C 267 28.67 -23.50 -0.65
C ALA C 267 28.37 -24.49 -1.76
N GLY C 268 27.26 -25.22 -1.62
CA GLY C 268 26.88 -26.20 -2.61
C GLY C 268 26.40 -25.56 -3.91
N ASP C 269 26.25 -26.41 -4.92
CA ASP C 269 25.92 -25.93 -6.26
C ASP C 269 24.55 -25.27 -6.29
N ASP C 270 23.60 -25.82 -5.53
CA ASP C 270 22.27 -25.20 -5.47
C ASP C 270 22.34 -23.80 -4.85
N LEU C 271 23.14 -23.64 -3.80
CA LEU C 271 23.32 -22.32 -3.19
C LEU C 271 23.97 -21.36 -4.19
N LEU C 272 24.94 -21.84 -4.96
CA LEU C 272 25.52 -21.01 -6.01
C LEU C 272 24.49 -20.60 -7.04
N ASP C 273 23.59 -21.52 -7.40
CA ASP C 273 22.53 -21.19 -8.35
C ASP C 273 21.62 -20.10 -7.80
N LEU C 274 21.24 -20.21 -6.52
CA LEU C 274 20.40 -19.18 -5.90
C LEU C 274 21.12 -17.84 -5.87
N ILE C 275 22.40 -17.83 -5.51
CA ILE C 275 23.17 -16.58 -5.45
C ILE C 275 23.26 -15.96 -6.83
N GLN C 276 23.53 -16.78 -7.86
CA GLN C 276 23.61 -16.26 -9.22
C GLN C 276 22.27 -15.68 -9.67
N GLY C 277 21.17 -16.35 -9.31
CA GLY C 277 19.86 -15.80 -9.63
C GLY C 277 19.61 -14.46 -8.96
N LEU C 278 20.01 -14.33 -7.69
CA LEU C 278 19.76 -13.10 -6.94
C LEU C 278 20.65 -11.95 -7.39
N PHE C 279 21.71 -12.22 -8.15
CA PHE C 279 22.69 -11.20 -8.50
C PHE C 279 22.77 -10.93 -9.99
N LEU C 280 21.74 -11.29 -10.76
CA LEU C 280 21.72 -10.98 -12.18
C LEU C 280 21.59 -9.48 -12.39
N PHE C 281 22.35 -8.95 -13.35
CA PHE C 281 22.36 -7.51 -13.58
C PHE C 281 21.05 -7.02 -14.19
N ASN C 282 20.37 -7.87 -14.95
CA ASN C 282 19.10 -7.46 -15.54
C ASN C 282 18.03 -7.47 -14.46
N PRO C 283 17.41 -6.34 -14.14
CA PRO C 283 16.36 -6.35 -13.10
C PRO C 283 15.18 -7.25 -13.46
N CYS C 284 14.82 -7.33 -14.73
CA CYS C 284 13.72 -8.20 -15.14
C CYS C 284 14.12 -9.68 -15.00
N ALA C 285 15.32 -10.03 -15.43
CA ALA C 285 15.77 -11.42 -15.35
C ALA C 285 16.08 -11.85 -13.93
N ARG C 286 16.33 -10.92 -13.03
CA ARG C 286 16.63 -11.27 -11.65
C ARG C 286 15.44 -11.97 -11.00
N ILE C 287 15.73 -13.01 -10.23
CA ILE C 287 14.68 -13.90 -9.73
C ILE C 287 13.81 -13.18 -8.72
N THR C 288 12.52 -13.50 -8.73
CA THR C 288 11.57 -12.96 -7.78
C THR C 288 11.57 -13.81 -6.51
N ALA C 289 10.81 -13.37 -5.51
CA ALA C 289 10.71 -14.13 -4.27
C ALA C 289 10.07 -15.49 -4.50
N THR C 290 9.02 -15.54 -5.33
CA THR C 290 8.37 -16.81 -5.61
CA THR C 290 8.37 -16.81 -5.61
C THR C 290 9.32 -17.78 -6.30
N GLN C 291 10.00 -17.31 -7.35
CA GLN C 291 10.92 -18.19 -8.08
C GLN C 291 12.09 -18.60 -7.19
N ALA C 292 12.57 -17.70 -6.34
CA ALA C 292 13.63 -18.05 -5.41
C ALA C 292 13.18 -19.15 -4.44
N LEU C 293 11.93 -19.05 -3.97
CA LEU C 293 11.42 -20.07 -3.05
C LEU C 293 11.24 -21.42 -3.73
N LYS C 294 11.05 -21.43 -5.05
CA LYS C 294 10.85 -22.67 -5.79
C LYS C 294 12.14 -23.34 -6.20
N MET C 295 13.29 -22.72 -5.97
CA MET C 295 14.56 -23.33 -6.36
C MET C 295 14.82 -24.60 -5.55
N LYS C 296 15.70 -25.45 -6.11
CA LYS C 296 16.04 -26.71 -5.48
C LYS C 296 16.79 -26.52 -4.17
N TYR C 297 17.41 -25.37 -3.96
CA TYR C 297 18.21 -25.15 -2.76
C TYR C 297 17.37 -25.29 -1.50
N PHE C 298 16.16 -24.72 -1.51
CA PHE C 298 15.33 -24.75 -0.31
C PHE C 298 14.65 -26.11 -0.10
N SER C 299 14.56 -26.93 -1.14
CA SER C 299 13.94 -28.24 -1.01
C SER C 299 14.94 -29.37 -0.78
N ASN C 300 16.24 -29.13 -0.99
CA ASN C 300 17.23 -30.18 -0.81
C ASN C 300 17.55 -30.39 0.66
N ARG C 301 18.09 -31.58 0.95
CA ARG C 301 18.59 -31.95 2.27
C ARG C 301 19.94 -31.29 2.51
N PRO C 302 20.19 -30.78 3.73
CA PRO C 302 19.32 -30.74 4.91
C PRO C 302 18.28 -29.63 4.84
N GLY C 303 17.15 -29.80 5.52
CA GLY C 303 16.14 -28.78 5.57
C GLY C 303 16.50 -27.68 6.54
N PRO C 304 15.69 -26.61 6.52
CA PRO C 304 15.96 -25.48 7.41
C PRO C 304 15.87 -25.88 8.87
N THR C 305 16.74 -25.29 9.69
CA THR C 305 16.70 -25.53 11.12
C THR C 305 15.41 -24.98 11.71
N PRO C 306 14.71 -25.73 12.56
CA PRO C 306 13.50 -25.19 13.19
C PRO C 306 13.81 -23.94 14.00
N GLY C 307 12.89 -22.97 13.93
CA GLY C 307 13.13 -21.69 14.58
C GLY C 307 13.33 -21.79 16.08
N CYS C 308 12.80 -22.84 16.70
CA CYS C 308 12.93 -22.99 18.15
C CYS C 308 14.37 -23.26 18.58
N GLN C 309 15.23 -23.72 17.66
CA GLN C 309 16.62 -24.01 17.99
C GLN C 309 17.60 -23.18 17.17
N LEU C 310 17.16 -22.04 16.62
CA LEU C 310 18.08 -21.14 15.96
C LEU C 310 19.03 -20.52 16.99
N PRO C 311 20.26 -20.21 16.60
CA PRO C 311 21.23 -19.68 17.57
C PRO C 311 20.78 -18.34 18.14
N ARG C 312 21.10 -18.15 19.43
CA ARG C 312 20.73 -16.95 20.16
C ARG C 312 21.97 -16.30 20.74
N PRO C 313 22.21 -15.00 20.47
CA PRO C 313 23.38 -14.27 20.96
C PRO C 313 23.37 -14.09 22.48
PG AGS D . 17.72 4.98 11.59
S1G AGS D . 17.25 3.90 10.08
O2G AGS D . 16.94 6.42 11.50
O3G AGS D . 19.35 5.23 11.60
PB AGS D . 18.11 2.91 13.61
O1B AGS D . 19.04 2.35 12.57
O2B AGS D . 18.91 3.38 14.81
O3B AGS D . 17.28 4.19 12.98
PA AGS D . 15.64 2.08 14.93
O1A AGS D . 15.26 3.54 14.77
O2A AGS D . 14.51 1.20 14.44
O3A AGS D . 17.03 1.75 14.08
O5' AGS D . 15.93 1.76 16.55
C5' AGS D . 15.11 0.77 17.16
C4' AGS D . 15.90 0.13 18.28
O4' AGS D . 14.98 -0.68 18.98
C3' AGS D . 17.00 -0.86 17.84
O3' AGS D . 17.80 -1.21 18.90
C2' AGS D . 16.09 -1.99 17.26
O2' AGS D . 16.68 -3.25 17.31
C1' AGS D . 14.99 -1.94 18.38
N9 AGS D . 13.79 -2.23 17.89
C8 AGS D . 13.12 -1.82 16.82
N7 AGS D . 11.95 -2.45 16.79
C5 AGS D . 11.90 -3.26 17.84
C6 AGS D . 10.91 -4.12 18.27
N6 AGS D . 9.66 -4.31 17.57
N1 AGS D . 11.12 -4.83 19.38
C2 AGS D . 12.27 -4.70 20.07
N3 AGS D . 13.23 -3.85 19.64
C4 AGS D . 13.03 -3.13 18.53
MG MG E . 16.62 0.10 11.14
#